data_7T7J
#
_entry.id   7T7J
#
_cell.length_a   55.210
_cell.length_b   80.660
_cell.length_c   86.820
_cell.angle_alpha   90.000
_cell.angle_beta   104.065
_cell.angle_gamma   90.000
#
_symmetry.space_group_name_H-M   'P 1 21 1'
#
loop_
_entity.id
_entity.type
_entity.pdbx_description
1 polymer 'Phosphoserine aminotransferase'
2 non-polymer "PYRIDOXAL-5'-PHOSPHATE"
3 water water
#
_entity_poly.entity_id   1
_entity_poly.type   'polypeptide(L)'
_entity_poly.pdbx_seq_one_letter_code
;MAHHHHHHMAQVYNFSSGPAMLPAEVLKLAQQELCDWHGLGTSVMEISHRGKEFIQVAEEAEQDFRALLNIPSNYKVLFC
HGGGRGQFAGIPLNILGDKKVADYVDAGYWAASAVKEAKKYCTPNVIDAKITVDGKRAVKPMSEWQLTPGAAYLHYCPNE
TIDGIAIDETPNFGDDVIVTADFSSTILSREIDVNRFGVIYAGAQKNIGPAGLTLVIVREDLLGKASVACPSILDYTVLS
ENDSMFNTPPTFAWYLAGLVFKWLKQQGGVAAMDKINQQKAELLYGVIDNSGFYRNDVAQANRSRMNVPFQLADSALDKL
FLEESFAAGLHALKGHRVVGGMRASIYNAMPLDGVKTLTDFMLDFERRHG
;
_entity_poly.pdbx_strand_id   A,B
#
# COMPACT_ATOMS: atom_id res chain seq x y z
N GLN A 11 -22.74 -12.25 17.80
CA GLN A 11 -22.36 -11.26 16.79
C GLN A 11 -21.38 -10.23 17.37
N VAL A 12 -20.31 -9.95 16.63
CA VAL A 12 -19.32 -8.96 17.03
C VAL A 12 -19.51 -7.69 16.21
N TYR A 13 -19.63 -6.57 16.90
CA TYR A 13 -19.64 -5.25 16.30
C TYR A 13 -18.33 -4.55 16.62
N ASN A 14 -17.65 -4.09 15.59
CA ASN A 14 -16.28 -3.59 15.66
C ASN A 14 -16.28 -2.09 15.42
N PHE A 15 -16.06 -1.31 16.49
CA PHE A 15 -16.11 0.15 16.47
C PHE A 15 -14.74 0.79 16.21
N SER A 16 -13.79 0.02 15.69
CA SER A 16 -12.46 0.57 15.39
C SER A 16 -12.54 1.75 14.41
N SER A 17 -11.72 2.77 14.67
CA SER A 17 -11.71 3.95 13.81
C SER A 17 -10.87 3.77 12.54
N GLY A 18 -10.06 2.72 12.45
CA GLY A 18 -9.17 2.55 11.33
C GLY A 18 -7.90 1.81 11.72
N PRO A 19 -7.59 0.71 11.04
CA PRO A 19 -8.43 -0.05 10.10
C PRO A 19 -9.79 -0.31 10.70
N ALA A 20 -10.84 -0.25 9.92
CA ALA A 20 -12.20 -0.34 10.40
C ALA A 20 -12.86 -1.61 9.84
N MET A 21 -14.08 -1.85 10.28
CA MET A 21 -14.82 -2.97 9.70
C MET A 21 -15.09 -2.77 8.21
N LEU A 22 -15.08 -3.85 7.50
CA LEU A 22 -15.66 -3.86 6.17
CA LEU A 22 -15.64 -3.92 6.15
C LEU A 22 -17.11 -4.31 6.26
N PRO A 23 -17.93 -4.02 5.24
CA PRO A 23 -19.28 -4.58 5.24
C PRO A 23 -19.20 -6.10 5.35
N ALA A 24 -20.00 -6.68 6.24
CA ALA A 24 -19.93 -8.13 6.46
C ALA A 24 -20.14 -8.90 5.15
N GLU A 25 -21.07 -8.45 4.30
CA GLU A 25 -21.31 -9.15 3.05
C GLU A 25 -20.12 -9.08 2.13
N VAL A 26 -19.36 -8.00 2.19
CA VAL A 26 -18.17 -7.85 1.35
C VAL A 26 -17.09 -8.82 1.79
N LEU A 27 -16.84 -8.91 3.09
CA LEU A 27 -15.83 -9.82 3.60
C LEU A 27 -16.20 -11.27 3.31
N LYS A 28 -17.50 -11.60 3.40
CA LYS A 28 -17.93 -12.95 3.10
C LYS A 28 -17.67 -13.29 1.64
N LEU A 29 -17.98 -12.36 0.73
CA LEU A 29 -17.69 -12.58 -0.68
C LEU A 29 -16.19 -12.76 -0.91
N ALA A 30 -15.37 -11.88 -0.32
CA ALA A 30 -13.94 -11.97 -0.50
C ALA A 30 -13.42 -13.31 0.00
N GLN A 31 -14.00 -13.81 1.09
CA GLN A 31 -13.59 -15.12 1.60
C GLN A 31 -13.94 -16.22 0.63
N GLN A 32 -15.18 -16.22 0.14
CA GLN A 32 -15.64 -17.28 -0.75
C GLN A 32 -14.71 -17.43 -1.96
N GLU A 33 -14.23 -16.32 -2.50
CA GLU A 33 -13.46 -16.39 -3.75
C GLU A 33 -11.98 -16.09 -3.55
N LEU A 34 -11.48 -16.18 -2.31
CA LEU A 34 -10.09 -15.78 -2.05
C LEU A 34 -9.10 -16.65 -2.81
N CYS A 35 -9.37 -17.95 -2.95
CA CYS A 35 -8.39 -18.85 -3.56
C CYS A 35 -8.62 -19.04 -5.04
N ASP A 36 -9.87 -18.87 -5.47
CA ASP A 36 -10.27 -19.17 -6.85
C ASP A 36 -11.26 -18.08 -7.23
N TRP A 37 -10.77 -17.04 -7.87
CA TRP A 37 -11.54 -15.84 -8.16
C TRP A 37 -12.11 -15.92 -9.57
N HIS A 38 -13.43 -15.79 -9.69
CA HIS A 38 -14.12 -15.77 -10.98
C HIS A 38 -13.71 -16.97 -11.85
N GLY A 39 -13.52 -18.12 -11.20
CA GLY A 39 -13.23 -19.34 -11.92
C GLY A 39 -11.84 -19.43 -12.51
N LEU A 40 -10.95 -18.47 -12.21
CA LEU A 40 -9.60 -18.50 -12.79
C LEU A 40 -8.69 -19.54 -12.15
N GLY A 41 -8.99 -19.97 -10.94
CA GLY A 41 -8.10 -20.88 -10.26
C GLY A 41 -6.95 -20.20 -9.55
N THR A 42 -6.95 -18.87 -9.50
CA THR A 42 -5.99 -18.09 -8.73
C THR A 42 -6.78 -17.01 -7.99
N SER A 43 -6.16 -16.44 -6.98
CA SER A 43 -6.73 -15.30 -6.27
C SER A 43 -6.68 -14.04 -7.12
N VAL A 44 -7.60 -13.11 -6.85
CA VAL A 44 -7.47 -11.78 -7.43
C VAL A 44 -6.19 -11.08 -6.99
N MET A 45 -5.61 -11.47 -5.84
CA MET A 45 -4.36 -10.82 -5.42
C MET A 45 -3.11 -11.42 -6.07
N GLU A 46 -3.26 -12.45 -6.92
CA GLU A 46 -2.12 -13.12 -7.53
C GLU A 46 -2.00 -12.85 -9.02
N ILE A 47 -2.83 -11.98 -9.59
CA ILE A 47 -2.85 -11.75 -11.02
C ILE A 47 -2.20 -10.41 -11.36
N SER A 48 -1.71 -10.31 -12.59
CA SER A 48 -1.07 -9.09 -13.04
C SER A 48 -2.03 -7.90 -13.04
N HIS A 49 -1.57 -6.76 -12.52
CA HIS A 49 -2.37 -5.54 -12.61
C HIS A 49 -2.53 -5.05 -14.04
N ARG A 50 -1.72 -5.53 -14.98
CA ARG A 50 -1.85 -5.14 -16.38
C ARG A 50 -2.57 -6.19 -17.21
N GLY A 51 -3.13 -7.20 -16.57
CA GLY A 51 -3.96 -8.16 -17.26
C GLY A 51 -5.37 -7.66 -17.41
N LYS A 52 -6.07 -8.22 -18.40
CA LYS A 52 -7.43 -7.78 -18.71
C LYS A 52 -8.34 -7.91 -17.51
N GLU A 53 -8.16 -8.98 -16.73
CA GLU A 53 -9.05 -9.24 -15.61
CA GLU A 53 -9.05 -9.24 -15.61
C GLU A 53 -8.91 -8.16 -14.54
N PHE A 54 -7.67 -7.87 -14.10
CA PHE A 54 -7.56 -6.85 -13.06
C PHE A 54 -7.89 -5.46 -13.58
N ILE A 55 -7.56 -5.15 -14.83
CA ILE A 55 -7.93 -3.86 -15.39
C ILE A 55 -9.45 -3.63 -15.28
N GLN A 56 -10.24 -4.69 -15.53
CA GLN A 56 -11.69 -4.53 -15.41
C GLN A 56 -12.11 -4.25 -13.98
N VAL A 57 -11.52 -4.96 -13.00
CA VAL A 57 -11.78 -4.67 -11.60
C VAL A 57 -11.48 -3.21 -11.28
N ALA A 58 -10.30 -2.75 -11.72
CA ALA A 58 -9.84 -1.40 -11.41
C ALA A 58 -10.76 -0.36 -12.03
N GLU A 59 -11.09 -0.53 -13.30
CA GLU A 59 -11.92 0.45 -14.00
C GLU A 59 -13.34 0.47 -13.45
N GLU A 60 -13.90 -0.70 -13.10
CA GLU A 60 -15.23 -0.72 -12.50
C GLU A 60 -15.21 -0.03 -11.14
N ALA A 61 -14.14 -0.21 -10.35
CA ALA A 61 -14.04 0.48 -9.07
C ALA A 61 -13.99 1.99 -9.27
N GLU A 62 -13.19 2.45 -10.24
CA GLU A 62 -13.13 3.88 -10.50
C GLU A 62 -14.48 4.42 -10.92
N GLN A 63 -15.16 3.72 -11.84
CA GLN A 63 -16.44 4.22 -12.34
CA GLN A 63 -16.46 4.18 -12.36
C GLN A 63 -17.51 4.18 -11.25
N ASP A 64 -17.51 3.14 -10.41
CA ASP A 64 -18.51 3.08 -9.33
C ASP A 64 -18.28 4.21 -8.32
N PHE A 65 -17.03 4.49 -7.98
CA PHE A 65 -16.73 5.59 -7.07
C PHE A 65 -17.19 6.93 -7.67
N ARG A 66 -16.89 7.14 -8.96
CA ARG A 66 -17.37 8.35 -9.66
C ARG A 66 -18.88 8.46 -9.60
N ALA A 67 -19.58 7.36 -9.85
CA ALA A 67 -21.04 7.42 -9.82
C ALA A 67 -21.56 7.66 -8.40
N LEU A 68 -20.99 6.99 -7.40
CA LEU A 68 -21.51 7.10 -6.04
C LEU A 68 -21.45 8.53 -5.54
N LEU A 69 -20.38 9.25 -5.87
CA LEU A 69 -20.17 10.61 -5.42
C LEU A 69 -20.56 11.65 -6.46
N ASN A 70 -21.03 11.23 -7.63
CA ASN A 70 -21.35 12.15 -8.73
C ASN A 70 -20.16 13.08 -9.00
N ILE A 71 -19.00 12.45 -9.18
CA ILE A 71 -17.76 13.18 -9.48
C ILE A 71 -17.84 13.68 -10.92
N PRO A 72 -17.62 14.97 -11.16
CA PRO A 72 -17.66 15.50 -12.53
C PRO A 72 -16.49 14.99 -13.36
N SER A 73 -16.66 15.09 -14.69
CA SER A 73 -15.66 14.54 -15.62
C SER A 73 -14.32 15.29 -15.58
N ASN A 74 -14.27 16.50 -15.04
CA ASN A 74 -13.01 17.24 -15.00
C ASN A 74 -12.17 16.92 -13.79
N TYR A 75 -12.49 15.83 -13.09
CA TYR A 75 -11.69 15.35 -11.98
C TYR A 75 -11.09 14.00 -12.31
N LYS A 76 -9.82 13.81 -11.93
CA LYS A 76 -9.21 12.49 -11.91
C LYS A 76 -9.52 11.79 -10.61
N VAL A 77 -9.61 10.46 -10.67
CA VAL A 77 -9.79 9.61 -9.49
C VAL A 77 -8.61 8.66 -9.45
N LEU A 78 -7.77 8.82 -8.44
CA LEU A 78 -6.52 8.10 -8.32
C LEU A 78 -6.55 7.13 -7.14
N PHE A 79 -5.99 5.94 -7.35
CA PHE A 79 -5.89 4.89 -6.33
C PHE A 79 -4.40 4.80 -6.00
N CYS A 80 -4.05 5.21 -4.77
CA CYS A 80 -2.68 5.60 -4.40
C CYS A 80 -2.14 4.78 -3.24
N HIS A 81 -0.82 4.70 -3.19
CA HIS A 81 -0.11 4.21 -2.02
C HIS A 81 0.06 5.33 -0.98
N GLY A 82 0.31 4.94 0.27
CA GLY A 82 0.92 5.83 1.26
C GLY A 82 0.00 6.33 2.36
N GLY A 83 -1.32 6.12 2.25
CA GLY A 83 -2.22 6.49 3.33
C GLY A 83 -2.55 7.96 3.37
N GLY A 84 -3.40 8.33 4.32
CA GLY A 84 -3.73 9.74 4.50
C GLY A 84 -2.50 10.60 4.73
N ARG A 85 -1.58 10.15 5.60
CA ARG A 85 -0.39 10.95 5.85
C ARG A 85 0.50 11.06 4.61
N GLY A 86 0.40 10.12 3.67
CA GLY A 86 1.08 10.30 2.39
C GLY A 86 0.62 11.54 1.68
N GLN A 87 -0.68 11.83 1.75
CA GLN A 87 -1.21 13.01 1.09
C GLN A 87 -0.90 14.30 1.85
N PHE A 88 -0.58 14.22 3.14
CA PHE A 88 -0.08 15.41 3.83
C PHE A 88 1.18 15.93 3.15
N ALA A 89 1.98 15.03 2.57
CA ALA A 89 3.11 15.44 1.75
C ALA A 89 2.68 15.60 0.29
N GLY A 90 1.82 14.70 -0.20
CA GLY A 90 1.43 14.72 -1.60
C GLY A 90 0.79 16.03 -2.04
N ILE A 91 -0.03 16.63 -1.19
CA ILE A 91 -0.72 17.84 -1.64
CA ILE A 91 -0.74 17.86 -1.58
C ILE A 91 0.28 18.96 -1.87
N PRO A 92 1.16 19.33 -0.91
CA PRO A 92 2.09 20.43 -1.23
C PRO A 92 3.07 20.05 -2.32
N LEU A 93 3.46 18.77 -2.40
CA LEU A 93 4.41 18.37 -3.44
C LEU A 93 3.81 18.44 -4.83
N ASN A 94 2.49 18.38 -4.95
CA ASN A 94 1.85 18.41 -6.27
C ASN A 94 1.33 19.79 -6.64
N ILE A 95 0.79 20.56 -5.69
CA ILE A 95 0.05 21.73 -6.15
C ILE A 95 0.49 23.04 -5.50
N LEU A 96 1.63 23.07 -4.80
CA LEU A 96 2.22 24.38 -4.48
C LEU A 96 2.64 25.11 -5.75
N GLY A 97 3.12 24.38 -6.75
CA GLY A 97 3.76 25.03 -7.88
C GLY A 97 4.95 25.84 -7.42
N ASP A 98 5.03 27.09 -7.87
CA ASP A 98 6.07 27.99 -7.42
C ASP A 98 5.70 28.78 -6.17
N LYS A 99 4.52 28.53 -5.59
CA LYS A 99 4.08 29.32 -4.44
C LYS A 99 4.65 28.76 -3.14
N LYS A 100 4.78 29.64 -2.14
CA LYS A 100 5.44 29.30 -0.88
C LYS A 100 4.51 29.40 0.30
N VAL A 101 3.22 29.59 0.07
CA VAL A 101 2.25 29.68 1.14
C VAL A 101 0.96 29.00 0.71
N ALA A 102 0.33 28.36 1.67
CA ALA A 102 -0.96 27.73 1.55
C ALA A 102 -1.65 27.96 2.88
N ASP A 103 -2.97 28.04 2.84
CA ASP A 103 -3.74 28.24 4.07
C ASP A 103 -4.15 26.87 4.61
N TYR A 104 -3.90 26.64 5.89
CA TYR A 104 -4.30 25.41 6.57
C TYR A 104 -5.23 25.78 7.72
N VAL A 105 -6.41 25.18 7.74
CA VAL A 105 -7.35 25.36 8.84
C VAL A 105 -7.10 24.28 9.88
N ASP A 106 -6.90 24.68 11.14
CA ASP A 106 -6.65 23.76 12.24
C ASP A 106 -7.81 23.85 13.22
N ALA A 107 -8.63 22.79 13.26
CA ALA A 107 -9.59 22.64 14.37
C ALA A 107 -9.63 21.20 14.85
N GLY A 108 -8.47 20.55 14.87
CA GLY A 108 -8.41 19.18 15.34
C GLY A 108 -7.08 18.52 15.01
N TYR A 109 -6.97 17.28 15.47
CA TYR A 109 -5.70 16.55 15.46
C TYR A 109 -5.17 16.35 14.04
N TRP A 110 -6.01 15.88 13.13
CA TRP A 110 -5.52 15.55 11.80
C TRP A 110 -5.24 16.78 10.97
N ALA A 111 -6.03 17.85 11.15
CA ALA A 111 -5.71 19.11 10.49
C ALA A 111 -4.37 19.62 10.95
N ALA A 112 -4.08 19.51 12.25
CA ALA A 112 -2.79 19.93 12.78
C ALA A 112 -1.66 19.06 12.28
N SER A 113 -1.91 17.76 12.12
CA SER A 113 -0.90 16.86 11.56
CA SER A 113 -0.89 16.88 11.57
C SER A 113 -0.55 17.23 10.14
N ALA A 114 -1.56 17.62 9.35
CA ALA A 114 -1.29 18.04 7.97
C ALA A 114 -0.41 19.29 7.95
N VAL A 115 -0.66 20.24 8.86
CA VAL A 115 0.18 21.43 8.98
C VAL A 115 1.63 21.04 9.21
N LYS A 116 1.88 20.10 10.13
CA LYS A 116 3.25 19.75 10.48
C LYS A 116 4.01 19.23 9.27
N GLU A 117 3.38 18.34 8.48
CA GLU A 117 4.03 17.84 7.28
C GLU A 117 4.26 18.95 6.26
N ALA A 118 3.29 19.85 6.12
CA ALA A 118 3.38 20.91 5.11
C ALA A 118 4.60 21.81 5.35
N LYS A 119 5.04 21.90 6.61
CA LYS A 119 6.19 22.73 6.95
C LYS A 119 7.49 22.24 6.34
N LYS A 120 7.52 20.98 5.85
CA LYS A 120 8.66 20.49 5.09
C LYS A 120 8.77 21.17 3.72
N TYR A 121 7.68 21.75 3.23
CA TYR A 121 7.56 22.15 1.83
C TYR A 121 7.22 23.60 1.63
N CYS A 122 6.74 24.29 2.64
CA CYS A 122 6.33 25.68 2.53
C CYS A 122 6.27 26.24 3.93
N THR A 123 5.86 27.50 4.03
CA THR A 123 5.59 28.11 5.33
C THR A 123 4.09 28.34 5.41
N PRO A 124 3.32 27.38 5.96
CA PRO A 124 1.86 27.52 5.92
C PRO A 124 1.34 28.64 6.80
N ASN A 125 0.25 29.24 6.34
CA ASN A 125 -0.54 30.14 7.16
C ASN A 125 -1.59 29.29 7.88
N VAL A 126 -1.55 29.28 9.21
CA VAL A 126 -2.44 28.43 9.99
C VAL A 126 -3.61 29.26 10.50
N ILE A 127 -4.83 28.83 10.14
CA ILE A 127 -6.07 29.44 10.57
C ILE A 127 -6.59 28.63 11.76
N ASP A 128 -6.67 29.26 12.93
CA ASP A 128 -7.22 28.60 14.10
C ASP A 128 -8.73 28.74 14.07
N ALA A 129 -9.44 27.66 13.75
CA ALA A 129 -10.89 27.71 13.61
C ALA A 129 -11.62 27.16 14.84
N LYS A 130 -10.90 26.89 15.93
CA LYS A 130 -11.56 26.38 17.13
C LYS A 130 -12.28 27.49 17.87
N ILE A 131 -13.54 27.23 18.21
CA ILE A 131 -14.30 28.17 19.04
C ILE A 131 -15.11 27.38 20.06
N THR A 132 -15.42 28.03 21.16
CA THR A 132 -16.28 27.44 22.17
C THR A 132 -17.58 28.23 22.19
N VAL A 133 -18.69 27.52 22.08
CA VAL A 133 -20.01 28.13 22.00
C VAL A 133 -20.85 27.49 23.10
N ASP A 134 -21.25 28.28 24.09
CA ASP A 134 -22.08 27.81 25.19
C ASP A 134 -21.46 26.57 25.85
N GLY A 135 -20.14 26.61 26.03
CA GLY A 135 -19.42 25.52 26.65
C GLY A 135 -19.13 24.32 25.76
N LYS A 136 -19.45 24.38 24.48
CA LYS A 136 -19.26 23.23 23.58
C LYS A 136 -18.20 23.56 22.53
N ARG A 137 -17.49 22.53 22.09
CA ARG A 137 -16.45 22.71 21.07
C ARG A 137 -17.09 22.82 19.69
N ALA A 138 -16.78 23.91 18.98
CA ALA A 138 -17.35 24.17 17.66
C ALA A 138 -16.25 24.65 16.72
N VAL A 139 -16.62 24.89 15.46
CA VAL A 139 -15.70 25.36 14.43
C VAL A 139 -16.24 26.68 13.86
N LYS A 140 -15.33 27.65 13.68
CA LYS A 140 -15.71 28.89 13.02
C LYS A 140 -16.32 28.61 11.65
N PRO A 141 -17.38 29.31 11.26
CA PRO A 141 -17.91 29.17 9.90
C PRO A 141 -16.87 29.54 8.85
N MET A 142 -16.98 28.88 7.68
CA MET A 142 -16.05 29.15 6.58
C MET A 142 -16.05 30.62 6.19
N SER A 143 -17.19 31.30 6.32
CA SER A 143 -17.27 32.72 5.98
C SER A 143 -16.34 33.58 6.83
N GLU A 144 -15.85 33.06 7.95
CA GLU A 144 -14.94 33.79 8.82
C GLU A 144 -13.48 33.39 8.65
N TRP A 145 -13.19 32.39 7.80
CA TRP A 145 -11.82 31.97 7.62
C TRP A 145 -11.04 33.04 6.85
N GLN A 146 -9.99 33.57 7.46
CA GLN A 146 -9.20 34.66 6.84
C GLN A 146 -8.17 34.04 5.91
N LEU A 147 -8.43 34.08 4.61
CA LEU A 147 -7.53 33.46 3.64
C LEU A 147 -6.43 34.42 3.21
N THR A 148 -5.34 33.85 2.71
CA THR A 148 -4.22 34.62 2.21
C THR A 148 -4.42 34.86 0.72
N PRO A 149 -4.49 36.11 0.25
CA PRO A 149 -4.59 36.34 -1.20
C PRO A 149 -3.43 35.66 -1.90
N GLY A 150 -3.75 34.90 -2.94
CA GLY A 150 -2.74 34.25 -3.73
C GLY A 150 -2.23 32.92 -3.18
N ALA A 151 -2.75 32.46 -2.04
CA ALA A 151 -2.33 31.17 -1.50
C ALA A 151 -2.50 30.08 -2.56
N ALA A 152 -1.57 29.12 -2.58
CA ALA A 152 -1.67 28.05 -3.58
C ALA A 152 -2.94 27.23 -3.41
N TYR A 153 -3.36 27.02 -2.16
CA TYR A 153 -4.53 26.22 -1.86
C TYR A 153 -4.90 26.47 -0.40
N LEU A 154 -6.08 25.98 -0.05
CA LEU A 154 -6.61 25.94 1.29
C LEU A 154 -6.79 24.48 1.67
N HIS A 155 -6.43 24.11 2.91
CA HIS A 155 -6.58 22.73 3.36
C HIS A 155 -7.40 22.70 4.64
N TYR A 156 -8.40 21.81 4.70
CA TYR A 156 -9.07 21.57 5.97
C TYR A 156 -9.47 20.10 6.08
N CYS A 157 -9.93 19.73 7.26
CA CYS A 157 -10.36 18.35 7.56
C CYS A 157 -11.84 18.35 7.94
N PRO A 158 -12.74 17.88 7.06
CA PRO A 158 -14.18 17.92 7.38
C PRO A 158 -14.64 16.89 8.40
N ASN A 159 -13.78 15.94 8.80
CA ASN A 159 -14.17 15.02 9.86
C ASN A 159 -12.94 14.64 10.67
N GLU A 160 -12.86 15.20 11.87
CA GLU A 160 -11.74 15.00 12.78
C GLU A 160 -12.00 13.74 13.59
N THR A 161 -11.33 12.66 13.19
CA THR A 161 -11.63 11.32 13.63
C THR A 161 -11.48 11.15 15.14
N ILE A 162 -10.45 11.76 15.72
CA ILE A 162 -10.18 11.61 17.15
C ILE A 162 -11.06 12.53 17.98
N ASP A 163 -11.34 13.72 17.45
CA ASP A 163 -12.08 14.76 18.17
C ASP A 163 -13.58 14.61 18.04
N GLY A 164 -14.06 13.86 17.05
CA GLY A 164 -15.50 13.80 16.82
C GLY A 164 -16.10 15.05 16.24
N ILE A 165 -15.31 15.85 15.53
CA ILE A 165 -15.74 17.16 15.04
C ILE A 165 -15.90 17.09 13.53
N ALA A 166 -17.07 17.46 13.05
CA ALA A 166 -17.34 17.49 11.61
C ALA A 166 -17.59 18.91 11.16
N ILE A 167 -17.13 19.23 9.94
CA ILE A 167 -17.47 20.48 9.27
C ILE A 167 -18.26 20.05 8.03
N ASP A 168 -19.59 20.23 8.09
CA ASP A 168 -20.45 19.74 7.03
C ASP A 168 -20.68 20.75 5.93
N GLU A 169 -20.43 22.03 6.18
CA GLU A 169 -20.81 23.02 5.18
C GLU A 169 -20.00 22.89 3.88
N THR A 170 -20.65 23.19 2.79
CA THR A 170 -20.03 23.10 1.48
C THR A 170 -19.20 24.36 1.21
N PRO A 171 -17.94 24.20 0.79
CA PRO A 171 -17.12 25.36 0.44
C PRO A 171 -17.77 26.17 -0.67
N ASN A 172 -17.73 27.50 -0.51
CA ASN A 172 -18.31 28.43 -1.47
C ASN A 172 -17.38 29.61 -1.69
N PHE A 173 -16.07 29.33 -1.76
CA PHE A 173 -15.06 30.37 -1.92
C PHE A 173 -14.95 30.80 -3.38
N GLY A 174 -14.22 31.89 -3.61
CA GLY A 174 -13.99 32.34 -4.98
C GLY A 174 -13.21 31.33 -5.81
N ASP A 175 -13.25 31.53 -7.13
CA ASP A 175 -12.56 30.63 -8.06
C ASP A 175 -11.07 30.59 -7.81
N ASP A 176 -10.49 31.65 -7.23
CA ASP A 176 -9.06 31.71 -6.95
C ASP A 176 -8.66 30.85 -5.75
N VAL A 177 -9.61 30.35 -4.97
CA VAL A 177 -9.30 29.53 -3.80
C VAL A 177 -9.37 28.06 -4.23
N ILE A 178 -8.30 27.32 -3.99
CA ILE A 178 -8.22 25.90 -4.36
CA ILE A 178 -8.24 25.90 -4.36
C ILE A 178 -8.44 25.12 -3.07
N VAL A 179 -9.64 24.53 -2.90
CA VAL A 179 -9.97 23.87 -1.64
C VAL A 179 -9.48 22.43 -1.68
N THR A 180 -8.69 22.03 -0.68
CA THR A 180 -8.26 20.64 -0.52
C THR A 180 -8.73 20.14 0.83
N ALA A 181 -9.06 18.85 0.91
CA ALA A 181 -9.75 18.38 2.10
C ALA A 181 -9.51 16.90 2.38
N ASP A 182 -9.25 16.61 3.65
CA ASP A 182 -9.01 15.26 4.17
C ASP A 182 -10.35 14.64 4.57
N PHE A 183 -10.93 13.87 3.65
CA PHE A 183 -12.21 13.20 3.85
C PHE A 183 -12.05 11.76 4.37
N SER A 184 -10.87 11.40 4.88
CA SER A 184 -10.62 10.01 5.26
C SER A 184 -11.75 9.35 6.02
N SER A 185 -12.25 9.99 7.08
CA SER A 185 -13.17 9.28 7.97
C SER A 185 -14.63 9.65 7.70
N THR A 186 -14.94 10.26 6.54
CA THR A 186 -16.33 10.58 6.25
C THR A 186 -16.71 10.40 4.79
N ILE A 187 -15.76 10.18 3.88
CA ILE A 187 -16.10 10.04 2.46
CA ILE A 187 -16.12 10.06 2.46
C ILE A 187 -17.14 8.94 2.28
N LEU A 188 -18.14 9.21 1.42
CA LEU A 188 -19.25 8.29 1.06
C LEU A 188 -20.31 8.20 2.14
N SER A 189 -20.24 9.02 3.20
CA SER A 189 -21.27 8.97 4.24
C SER A 189 -22.45 9.91 3.98
N ARG A 190 -22.29 10.84 3.03
CA ARG A 190 -23.29 11.83 2.67
CA ARG A 190 -23.31 11.78 2.64
C ARG A 190 -22.91 12.40 1.32
N GLU A 191 -23.88 13.01 0.65
CA GLU A 191 -23.61 13.67 -0.61
C GLU A 191 -22.74 14.89 -0.38
N ILE A 192 -21.80 15.13 -1.29
CA ILE A 192 -20.95 16.31 -1.24
C ILE A 192 -20.87 16.91 -2.64
N ASP A 193 -20.50 18.19 -2.68
CA ASP A 193 -20.46 18.92 -3.94
CA ASP A 193 -20.46 18.93 -3.94
C ASP A 193 -19.01 18.95 -4.40
N VAL A 194 -18.61 17.89 -5.12
CA VAL A 194 -17.21 17.72 -5.51
C VAL A 194 -16.70 18.91 -6.32
N ASN A 195 -17.57 19.53 -7.15
CA ASN A 195 -17.22 20.68 -7.97
CA ASN A 195 -17.08 20.61 -7.99
C ASN A 195 -16.65 21.84 -7.18
N ARG A 196 -16.92 21.89 -5.88
CA ARG A 196 -16.45 23.00 -5.08
C ARG A 196 -15.02 22.82 -4.59
N PHE A 197 -14.39 21.69 -4.92
CA PHE A 197 -13.08 21.32 -4.40
C PHE A 197 -12.03 21.24 -5.49
N GLY A 198 -10.77 21.43 -5.09
CA GLY A 198 -9.63 21.13 -5.95
C GLY A 198 -9.12 19.72 -5.73
N VAL A 199 -8.96 19.30 -4.47
CA VAL A 199 -8.51 17.94 -4.14
C VAL A 199 -9.31 17.43 -2.94
N ILE A 200 -9.85 16.23 -3.07
CA ILE A 200 -10.45 15.49 -1.97
C ILE A 200 -9.65 14.20 -1.85
N TYR A 201 -9.19 13.87 -0.63
CA TYR A 201 -8.50 12.60 -0.48
C TYR A 201 -9.01 11.85 0.75
N ALA A 202 -8.78 10.55 0.75
CA ALA A 202 -9.23 9.70 1.86
C ALA A 202 -8.37 8.45 1.92
N GLY A 203 -7.73 8.20 3.05
CA GLY A 203 -7.26 6.85 3.31
C GLY A 203 -8.45 5.91 3.27
N ALA A 204 -8.25 4.73 2.66
CA ALA A 204 -9.40 3.85 2.41
C ALA A 204 -9.94 3.20 3.67
N GLN A 205 -9.15 3.13 4.74
CA GLN A 205 -9.48 2.20 5.82
C GLN A 205 -10.54 2.70 6.81
N LYS A 206 -11.51 3.52 6.34
CA LYS A 206 -12.74 3.86 7.08
C LYS A 206 -14.01 3.49 6.31
N ASN A 207 -14.27 4.08 5.11
CA ASN A 207 -15.49 3.83 4.34
C ASN A 207 -15.21 3.27 2.93
N ILE A 208 -13.97 2.97 2.55
CA ILE A 208 -13.64 2.57 1.19
C ILE A 208 -13.20 1.11 1.10
N GLY A 209 -12.27 0.70 1.96
CA GLY A 209 -11.72 -0.64 1.85
C GLY A 209 -10.78 -0.93 2.99
N PRO A 210 -9.80 -1.79 2.77
CA PRO A 210 -8.83 -2.04 3.81
C PRO A 210 -7.75 -1.00 3.74
N ALA A 211 -6.90 -1.08 4.73
CA ALA A 211 -5.75 -0.21 4.80
C ALA A 211 -4.77 -0.60 3.71
N GLY A 212 -3.98 0.36 3.31
CA GLY A 212 -3.00 0.20 2.26
C GLY A 212 -3.40 0.80 0.94
N LEU A 213 -4.49 1.55 0.89
CA LEU A 213 -5.00 2.18 -0.30
C LEU A 213 -5.50 3.57 0.09
N THR A 214 -5.30 4.56 -0.79
CA THR A 214 -5.78 5.92 -0.60
C THR A 214 -6.45 6.40 -1.88
N LEU A 215 -7.60 7.06 -1.76
CA LEU A 215 -8.28 7.65 -2.92
C LEU A 215 -7.98 9.14 -2.97
N VAL A 216 -7.70 9.64 -4.17
CA VAL A 216 -7.50 11.06 -4.39
C VAL A 216 -8.35 11.49 -5.59
N ILE A 217 -9.17 12.51 -5.38
CA ILE A 217 -9.98 13.15 -6.41
C ILE A 217 -9.31 14.48 -6.71
N VAL A 218 -8.77 14.68 -7.93
CA VAL A 218 -8.01 15.90 -8.22
CA VAL A 218 -7.98 15.88 -8.25
C VAL A 218 -8.55 16.58 -9.47
N ARG A 219 -8.84 17.88 -9.34
CA ARG A 219 -9.34 18.64 -10.49
C ARG A 219 -8.24 18.72 -11.55
N GLU A 220 -8.60 18.47 -12.82
CA GLU A 220 -7.58 18.17 -13.81
CA GLU A 220 -7.59 18.18 -13.84
C GLU A 220 -6.66 19.35 -14.10
N ASP A 221 -7.13 20.59 -13.92
CA ASP A 221 -6.28 21.73 -14.23
C ASP A 221 -5.17 21.94 -13.22
N LEU A 222 -5.22 21.22 -12.09
CA LEU A 222 -4.18 21.29 -11.07
C LEU A 222 -2.99 20.39 -11.38
N LEU A 223 -3.10 19.52 -12.39
CA LEU A 223 -1.99 18.67 -12.79
C LEU A 223 -0.92 19.51 -13.50
N GLY A 224 0.27 18.95 -13.61
CA GLY A 224 1.30 19.55 -14.43
C GLY A 224 2.22 20.53 -13.73
N LYS A 225 2.13 20.66 -12.41
CA LYS A 225 3.02 21.56 -11.68
C LYS A 225 3.62 20.90 -10.45
N ALA A 226 3.75 19.57 -10.47
CA ALA A 226 4.36 18.87 -9.34
C ALA A 226 5.81 19.32 -9.17
N SER A 227 6.24 19.42 -7.91
CA SER A 227 7.65 19.60 -7.62
C SER A 227 8.48 18.47 -8.21
N VAL A 228 9.69 18.80 -8.67
CA VAL A 228 10.59 17.75 -9.11
CA VAL A 228 10.62 17.76 -9.11
C VAL A 228 10.92 16.79 -7.97
N ALA A 229 10.86 17.27 -6.73
CA ALA A 229 11.14 16.41 -5.58
C ALA A 229 10.03 15.42 -5.29
N CYS A 230 8.87 15.56 -5.91
CA CYS A 230 7.76 14.65 -5.61
C CYS A 230 8.12 13.24 -6.09
N PRO A 231 8.13 12.24 -5.21
CA PRO A 231 8.32 10.85 -5.70
C PRO A 231 7.27 10.55 -6.75
N SER A 232 7.68 9.85 -7.81
CA SER A 232 6.74 9.58 -8.91
C SER A 232 5.50 8.84 -8.42
N ILE A 233 5.64 7.95 -7.44
CA ILE A 233 4.49 7.20 -6.92
C ILE A 233 3.47 8.12 -6.24
N LEU A 234 3.86 9.35 -5.88
CA LEU A 234 2.94 10.32 -5.29
C LEU A 234 2.59 11.46 -6.22
N ASP A 235 3.10 11.44 -7.44
CA ASP A 235 2.94 12.53 -8.40
C ASP A 235 1.61 12.34 -9.13
N TYR A 236 0.63 13.23 -8.85
CA TYR A 236 -0.70 13.07 -9.44
C TYR A 236 -0.66 13.03 -10.97
N THR A 237 0.27 13.75 -11.58
CA THR A 237 0.31 13.82 -13.04
C THR A 237 0.79 12.49 -13.61
N VAL A 238 1.81 11.90 -13.00
CA VAL A 238 2.26 10.57 -13.38
C VAL A 238 1.19 9.51 -13.07
N LEU A 239 0.53 9.63 -11.93
CA LEU A 239 -0.52 8.67 -11.60
C LEU A 239 -1.66 8.75 -12.60
N SER A 240 -2.05 9.97 -12.98
CA SER A 240 -3.14 10.13 -13.92
CA SER A 240 -3.13 10.14 -13.94
C SER A 240 -2.75 9.59 -15.30
N GLU A 241 -1.52 9.90 -15.74
CA GLU A 241 -1.01 9.38 -17.00
C GLU A 241 -1.22 7.88 -17.12
N ASN A 242 -0.97 7.17 -16.02
CA ASN A 242 -0.93 5.72 -15.96
C ASN A 242 -2.18 5.12 -15.32
N ASP A 243 -3.24 5.91 -15.15
CA ASP A 243 -4.49 5.44 -14.52
C ASP A 243 -4.22 4.67 -13.23
N SER A 244 -3.36 5.24 -12.40
CA SER A 244 -3.01 4.70 -11.08
C SER A 244 -2.27 3.38 -11.15
N MET A 245 -1.71 3.04 -12.30
CA MET A 245 -0.84 1.88 -12.41
C MET A 245 0.52 2.27 -12.96
N PHE A 246 1.04 3.41 -12.49
CA PHE A 246 2.45 3.72 -12.73
C PHE A 246 3.34 2.59 -12.21
N ASN A 247 3.06 2.12 -11.00
CA ASN A 247 3.72 0.92 -10.48
C ASN A 247 2.65 -0.05 -9.99
N THR A 248 3.07 -1.14 -9.37
CA THR A 248 2.11 -2.16 -8.95
C THR A 248 1.19 -1.58 -7.89
N PRO A 249 -0.12 -1.61 -8.08
CA PRO A 249 -1.04 -1.10 -7.06
C PRO A 249 -1.18 -2.06 -5.90
N PRO A 250 -1.79 -1.63 -4.81
CA PRO A 250 -2.24 -2.57 -3.78
C PRO A 250 -3.46 -3.31 -4.31
N THR A 251 -3.24 -4.39 -5.07
CA THR A 251 -4.32 -4.91 -5.90
C THR A 251 -5.44 -5.51 -5.06
N PHE A 252 -5.12 -6.21 -3.96
CA PHE A 252 -6.20 -6.76 -3.14
C PHE A 252 -7.03 -5.64 -2.52
N ALA A 253 -6.39 -4.59 -2.03
CA ALA A 253 -7.13 -3.49 -1.43
C ALA A 253 -8.01 -2.80 -2.46
N TRP A 254 -7.50 -2.66 -3.70
CA TRP A 254 -8.30 -2.01 -4.74
C TRP A 254 -9.50 -2.88 -5.10
N TYR A 255 -9.29 -4.19 -5.21
CA TYR A 255 -10.40 -5.11 -5.40
C TYR A 255 -11.43 -4.99 -4.28
N LEU A 256 -10.97 -4.96 -3.03
CA LEU A 256 -11.91 -4.87 -1.91
C LEU A 256 -12.67 -3.56 -1.94
N ALA A 257 -11.98 -2.45 -2.24
CA ALA A 257 -12.67 -1.18 -2.40
C ALA A 257 -13.75 -1.30 -3.47
N GLY A 258 -13.43 -1.96 -4.58
CA GLY A 258 -14.44 -2.20 -5.61
C GLY A 258 -15.64 -2.97 -5.09
N LEU A 259 -15.41 -3.98 -4.25
CA LEU A 259 -16.54 -4.69 -3.64
C LEU A 259 -17.35 -3.78 -2.72
N VAL A 260 -16.69 -2.93 -1.92
CA VAL A 260 -17.42 -1.98 -1.08
C VAL A 260 -18.27 -1.06 -1.95
N PHE A 261 -17.72 -0.60 -3.09
CA PHE A 261 -18.52 0.28 -3.95
C PHE A 261 -19.74 -0.46 -4.51
N LYS A 262 -19.57 -1.74 -4.90
CA LYS A 262 -20.71 -2.53 -5.35
C LYS A 262 -21.75 -2.68 -4.23
N TRP A 263 -21.27 -2.94 -3.01
CA TRP A 263 -22.16 -3.04 -1.86
C TRP A 263 -22.91 -1.74 -1.63
N LEU A 264 -22.21 -0.61 -1.72
CA LEU A 264 -22.88 0.67 -1.53
C LEU A 264 -23.97 0.87 -2.59
N LYS A 265 -23.68 0.51 -3.85
CA LYS A 265 -24.71 0.59 -4.89
C LYS A 265 -25.93 -0.25 -4.51
N GLN A 266 -25.69 -1.49 -4.06
CA GLN A 266 -26.76 -2.38 -3.64
C GLN A 266 -27.60 -1.79 -2.50
N GLN A 267 -26.98 -1.00 -1.61
CA GLN A 267 -27.71 -0.40 -0.50
C GLN A 267 -28.55 0.80 -0.92
N GLY A 268 -28.34 1.31 -2.13
CA GLY A 268 -28.98 2.53 -2.59
C GLY A 268 -28.06 3.72 -2.69
N GLY A 269 -26.75 3.56 -2.45
CA GLY A 269 -25.83 4.66 -2.65
C GLY A 269 -25.67 5.55 -1.42
N VAL A 270 -25.00 6.67 -1.67
CA VAL A 270 -24.63 7.56 -0.58
CA VAL A 270 -24.63 7.56 -0.57
C VAL A 270 -25.85 8.20 0.08
N ALA A 271 -26.91 8.51 -0.70
CA ALA A 271 -28.09 9.10 -0.08
C ALA A 271 -28.78 8.11 0.86
N ALA A 272 -28.73 6.81 0.52
CA ALA A 272 -29.28 5.81 1.42
C ALA A 272 -28.43 5.71 2.69
N MET A 273 -27.11 5.69 2.53
CA MET A 273 -26.22 5.67 3.68
CA MET A 273 -26.27 5.62 3.71
C MET A 273 -26.46 6.86 4.58
N ASP A 274 -26.63 8.03 3.97
CA ASP A 274 -26.86 9.26 4.74
C ASP A 274 -28.03 9.11 5.70
N LYS A 275 -29.13 8.53 5.23
CA LYS A 275 -30.31 8.36 6.08
C LYS A 275 -30.04 7.39 7.23
N ILE A 276 -29.34 6.27 6.98
CA ILE A 276 -29.09 5.33 8.06
C ILE A 276 -28.08 5.91 9.05
N ASN A 277 -27.07 6.62 8.53
CA ASN A 277 -26.08 7.24 9.40
C ASN A 277 -26.71 8.30 10.30
N GLN A 278 -27.73 8.99 9.80
CA GLN A 278 -28.42 9.94 10.65
C GLN A 278 -29.12 9.25 11.81
N GLN A 279 -29.78 8.12 11.53
CA GLN A 279 -30.47 7.38 12.59
C GLN A 279 -29.47 6.84 13.60
N LYS A 280 -28.35 6.29 13.13
CA LYS A 280 -27.34 5.75 14.04
C LYS A 280 -26.81 6.85 14.96
N ALA A 281 -26.49 8.01 14.39
CA ALA A 281 -25.91 9.09 15.19
C ALA A 281 -26.93 9.64 16.18
N GLU A 282 -28.18 9.81 15.74
CA GLU A 282 -29.19 10.33 16.66
C GLU A 282 -29.39 9.39 17.83
N LEU A 283 -29.37 8.08 17.56
CA LEU A 283 -29.55 7.10 18.63
C LEU A 283 -28.42 7.20 19.66
N LEU A 284 -27.17 7.19 19.17
CA LEU A 284 -26.05 7.19 20.10
C LEU A 284 -25.91 8.53 20.83
N TYR A 285 -25.98 9.66 20.11
CA TYR A 285 -25.91 10.94 20.80
C TYR A 285 -27.08 11.14 21.75
N GLY A 286 -28.26 10.64 21.38
CA GLY A 286 -29.40 10.74 22.30
C GLY A 286 -29.13 10.04 23.61
N VAL A 287 -28.50 8.85 23.56
CA VAL A 287 -28.25 8.13 24.80
C VAL A 287 -27.21 8.88 25.64
N ILE A 288 -26.18 9.41 24.97
CA ILE A 288 -25.16 10.17 25.68
C ILE A 288 -25.76 11.41 26.33
N ASP A 289 -26.62 12.13 25.60
CA ASP A 289 -27.12 13.41 26.10
C ASP A 289 -28.20 13.24 27.16
N ASN A 290 -28.90 12.12 27.15
CA ASN A 290 -29.95 11.91 28.14
C ASN A 290 -29.41 11.24 29.39
N SER A 291 -28.09 11.14 29.49
CA SER A 291 -27.42 10.44 30.58
C SER A 291 -26.55 11.43 31.33
N GLY A 292 -26.61 11.40 32.66
CA GLY A 292 -25.60 12.10 33.39
C GLY A 292 -24.31 11.34 33.57
N PHE A 293 -24.25 10.10 33.09
CA PHE A 293 -23.09 9.23 33.28
C PHE A 293 -22.12 9.29 32.11
N TYR A 294 -22.62 9.59 30.90
CA TYR A 294 -21.81 9.74 29.71
C TYR A 294 -21.89 11.19 29.23
N ARG A 295 -20.80 11.69 28.65
CA ARG A 295 -20.79 13.06 28.16
C ARG A 295 -20.02 13.20 26.85
N ASN A 296 -20.52 14.08 26.00
CA ASN A 296 -19.84 14.54 24.80
C ASN A 296 -20.11 16.04 24.73
N ASP A 297 -19.04 16.83 24.59
CA ASP A 297 -19.18 18.28 24.64
C ASP A 297 -18.85 18.95 23.30
N VAL A 298 -19.09 18.25 22.19
CA VAL A 298 -18.98 18.87 20.87
C VAL A 298 -20.32 19.52 20.52
N ALA A 299 -20.27 20.74 20.00
CA ALA A 299 -21.48 21.46 19.62
C ALA A 299 -22.28 20.66 18.59
N GLN A 300 -23.61 20.71 18.71
CA GLN A 300 -24.50 19.92 17.87
C GLN A 300 -24.17 20.05 16.37
N ALA A 301 -23.97 21.27 15.89
CA ALA A 301 -23.75 21.46 14.44
C ALA A 301 -22.44 20.87 13.96
N ASN A 302 -21.49 20.61 14.87
CA ASN A 302 -20.20 20.05 14.51
C ASN A 302 -20.03 18.62 15.01
N ARG A 303 -21.09 17.95 15.45
CA ARG A 303 -20.93 16.57 15.90
C ARG A 303 -20.77 15.63 14.70
N SER A 304 -19.67 14.89 14.67
CA SER A 304 -19.49 13.88 13.64
C SER A 304 -20.52 12.76 13.78
N ARG A 305 -21.05 12.31 12.66
CA ARG A 305 -21.88 11.10 12.65
C ARG A 305 -21.06 9.83 12.48
N MET A 306 -19.77 9.96 12.21
CA MET A 306 -18.89 8.83 11.96
C MET A 306 -18.09 8.43 13.18
N ASN A 307 -17.55 9.41 13.93
CA ASN A 307 -16.72 9.14 15.09
C ASN A 307 -17.31 9.86 16.28
N VAL A 308 -17.69 9.09 17.30
CA VAL A 308 -18.45 9.62 18.44
C VAL A 308 -17.66 9.39 19.71
N PRO A 309 -16.85 10.35 20.14
CA PRO A 309 -16.17 10.23 21.44
C PRO A 309 -17.13 10.52 22.58
N PHE A 310 -16.86 9.90 23.72
CA PHE A 310 -17.64 10.21 24.92
C PHE A 310 -16.83 9.83 26.15
N GLN A 311 -17.07 10.53 27.25
CA GLN A 311 -16.36 10.25 28.48
C GLN A 311 -17.34 9.76 29.53
N LEU A 312 -16.83 8.93 30.43
CA LEU A 312 -17.60 8.48 31.58
C LEU A 312 -17.45 9.49 32.71
N ALA A 313 -18.50 9.60 33.53
CA ALA A 313 -18.45 10.56 34.63
C ALA A 313 -17.37 10.18 35.62
N ASP A 314 -17.08 8.90 35.77
CA ASP A 314 -15.97 8.41 36.59
C ASP A 314 -15.04 7.64 35.68
N SER A 315 -13.91 8.25 35.29
CA SER A 315 -13.02 7.56 34.35
C SER A 315 -12.29 6.39 35.01
N ALA A 316 -12.40 6.22 36.32
CA ALA A 316 -11.88 5.01 36.95
C ALA A 316 -12.63 3.77 36.51
N LEU A 317 -13.76 3.92 35.82
CA LEU A 317 -14.54 2.82 35.26
C LEU A 317 -14.18 2.54 33.81
N ASP A 318 -13.27 3.31 33.21
CA ASP A 318 -12.94 3.12 31.78
C ASP A 318 -12.48 1.70 31.48
N LYS A 319 -11.55 1.16 32.29
CA LYS A 319 -11.01 -0.16 31.99
C LYS A 319 -12.10 -1.22 32.02
N LEU A 320 -12.97 -1.15 33.03
CA LEU A 320 -14.06 -2.10 33.14
C LEU A 320 -15.02 -1.96 31.97
N PHE A 321 -15.34 -0.72 31.58
CA PHE A 321 -16.21 -0.52 30.43
C PHE A 321 -15.62 -1.20 29.19
N LEU A 322 -14.30 -1.07 28.99
CA LEU A 322 -13.68 -1.64 27.81
C LEU A 322 -13.65 -3.17 27.87
N GLU A 323 -13.31 -3.76 29.02
CA GLU A 323 -13.31 -5.21 29.11
C GLU A 323 -14.70 -5.78 28.95
N GLU A 324 -15.70 -5.17 29.59
CA GLU A 324 -17.03 -5.77 29.56
C GLU A 324 -17.71 -5.51 28.21
N SER A 325 -17.49 -4.34 27.59
CA SER A 325 -18.04 -4.15 26.25
C SER A 325 -17.40 -5.13 25.28
N PHE A 326 -16.09 -5.34 25.38
CA PHE A 326 -15.45 -6.32 24.51
C PHE A 326 -16.10 -7.70 24.69
N ALA A 327 -16.28 -8.12 25.96
CA ALA A 327 -16.86 -9.42 26.25
C ALA A 327 -18.29 -9.54 25.72
N ALA A 328 -19.00 -8.42 25.61
CA ALA A 328 -20.33 -8.38 25.02
C ALA A 328 -20.31 -8.31 23.50
N GLY A 329 -19.12 -8.43 22.88
CA GLY A 329 -19.04 -8.38 21.44
C GLY A 329 -19.00 -6.99 20.85
N LEU A 330 -18.53 -6.00 21.61
CA LEU A 330 -18.49 -4.61 21.18
C LEU A 330 -17.02 -4.21 21.24
N HIS A 331 -16.32 -4.29 20.11
CA HIS A 331 -14.86 -4.17 20.11
C HIS A 331 -14.40 -2.74 19.82
N ALA A 332 -13.21 -2.42 20.35
CA ALA A 332 -12.42 -1.26 19.95
C ALA A 332 -13.10 0.07 20.25
N LEU A 333 -13.61 0.20 21.47
CA LEU A 333 -14.25 1.44 21.92
C LEU A 333 -13.30 2.42 22.63
N LYS A 334 -12.03 2.12 22.77
CA LYS A 334 -11.17 3.04 23.51
C LYS A 334 -10.91 4.32 22.71
N GLY A 335 -10.97 5.46 23.40
CA GLY A 335 -10.65 6.75 22.82
C GLY A 335 -9.15 7.06 22.89
N HIS A 336 -8.82 8.30 22.58
CA HIS A 336 -7.43 8.76 22.57
C HIS A 336 -6.96 9.18 23.96
N ARG A 337 -5.67 9.04 24.19
CA ARG A 337 -5.00 9.64 25.37
C ARG A 337 -5.42 11.10 25.58
N GLY A 341 -11.38 9.03 27.21
CA GLY A 341 -12.57 8.19 27.40
C GLY A 341 -12.71 7.14 26.30
N MET A 342 -13.88 7.14 25.65
CA MET A 342 -14.25 6.17 24.62
C MET A 342 -14.45 6.85 23.27
N ARG A 343 -14.46 6.04 22.21
CA ARG A 343 -14.80 6.52 20.88
CA ARG A 343 -14.80 6.52 20.88
C ARG A 343 -15.48 5.41 20.12
N ALA A 344 -16.75 5.60 19.76
CA ALA A 344 -17.48 4.65 18.92
C ALA A 344 -17.39 5.17 17.49
N SER A 345 -16.70 4.43 16.62
CA SER A 345 -16.72 4.73 15.19
C SER A 345 -17.80 3.89 14.54
N ILE A 346 -18.72 4.57 13.83
CA ILE A 346 -19.96 3.96 13.34
C ILE A 346 -20.08 4.28 11.84
N TYR A 347 -19.12 3.77 11.08
CA TYR A 347 -18.98 4.07 9.66
C TYR A 347 -20.12 3.44 8.85
N ASN A 348 -20.10 3.67 7.53
CA ASN A 348 -21.17 3.14 6.67
C ASN A 348 -21.46 1.67 6.93
N ALA A 349 -20.40 0.87 7.08
CA ALA A 349 -20.55 -0.58 7.22
C ALA A 349 -21.26 -0.99 8.51
N MET A 350 -21.27 -0.14 9.53
CA MET A 350 -21.84 -0.48 10.82
C MET A 350 -23.34 -0.42 10.75
N PRO A 351 -24.05 -1.54 10.96
CA PRO A 351 -25.52 -1.49 10.89
C PRO A 351 -26.10 -0.80 12.11
N LEU A 352 -27.33 -0.31 11.92
CA LEU A 352 -28.07 0.28 13.03
C LEU A 352 -28.15 -0.69 14.22
N ASP A 353 -28.32 -1.99 13.96
CA ASP A 353 -28.36 -2.95 15.05
C ASP A 353 -27.08 -2.94 15.89
N GLY A 354 -25.93 -2.62 15.28
CA GLY A 354 -24.71 -2.53 16.06
C GLY A 354 -24.75 -1.36 17.04
N VAL A 355 -25.31 -0.24 16.60
CA VAL A 355 -25.42 0.91 17.48
C VAL A 355 -26.47 0.66 18.56
N LYS A 356 -27.56 -0.04 18.23
CA LYS A 356 -28.53 -0.42 19.25
C LYS A 356 -27.92 -1.34 20.30
N THR A 357 -27.10 -2.30 19.87
CA THR A 357 -26.43 -3.19 20.83
C THR A 357 -25.50 -2.39 21.73
N LEU A 358 -24.77 -1.44 21.15
CA LEU A 358 -23.89 -0.57 21.93
C LEU A 358 -24.65 0.25 22.95
N THR A 359 -25.70 0.95 22.51
CA THR A 359 -26.43 1.81 23.45
C THR A 359 -27.15 0.99 24.52
N ASP A 360 -27.65 -0.20 24.17
CA ASP A 360 -28.23 -1.05 25.21
C ASP A 360 -27.16 -1.42 26.25
N PHE A 361 -25.95 -1.75 25.79
CA PHE A 361 -24.87 -2.02 26.73
C PHE A 361 -24.56 -0.80 27.58
N MET A 362 -24.51 0.39 26.97
CA MET A 362 -24.20 1.60 27.71
C MET A 362 -25.25 1.88 28.78
N LEU A 363 -26.53 1.70 28.45
CA LEU A 363 -27.57 1.90 29.44
C LEU A 363 -27.44 0.90 30.59
N ASP A 364 -27.13 -0.36 30.26
CA ASP A 364 -26.95 -1.36 31.30
C ASP A 364 -25.76 -1.04 32.18
N PHE A 365 -24.66 -0.58 31.57
CA PHE A 365 -23.46 -0.28 32.33
C PHE A 365 -23.70 0.88 33.29
N GLU A 366 -24.45 1.89 32.83
CA GLU A 366 -24.83 2.98 33.72
C GLU A 366 -25.71 2.49 34.88
N ARG A 367 -26.66 1.59 34.60
CA ARG A 367 -27.49 1.03 35.66
CA ARG A 367 -27.47 1.06 35.67
C ARG A 367 -26.62 0.34 36.70
N ARG A 368 -25.61 -0.41 36.26
CA ARG A 368 -24.74 -1.15 37.17
C ARG A 368 -23.90 -0.22 38.03
N HIS A 369 -23.31 0.81 37.42
CA HIS A 369 -22.16 1.49 38.02
C HIS A 369 -22.36 2.98 38.25
N GLY A 370 -23.44 3.56 37.74
CA GLY A 370 -23.65 4.99 37.86
C GLY A 370 -24.23 5.39 39.19
N GLN B 11 -5.50 -28.28 -11.75
CA GLN B 11 -4.40 -27.60 -11.08
C GLN B 11 -3.92 -26.41 -11.92
N VAL B 12 -3.79 -25.24 -11.31
CA VAL B 12 -3.33 -24.03 -11.99
C VAL B 12 -1.96 -23.66 -11.43
N TYR B 13 -1.00 -23.49 -12.33
CA TYR B 13 0.28 -22.89 -11.98
C TYR B 13 0.37 -21.51 -12.58
N ASN B 14 0.68 -20.53 -11.75
CA ASN B 14 0.60 -19.13 -12.09
C ASN B 14 2.00 -18.55 -12.16
N PHE B 15 2.45 -18.26 -13.39
CA PHE B 15 3.82 -17.78 -13.64
C PHE B 15 3.93 -16.26 -13.65
N SER B 16 2.93 -15.57 -13.11
CA SER B 16 2.96 -14.11 -13.07
C SER B 16 4.21 -13.58 -12.37
N SER B 17 4.77 -12.50 -12.92
CA SER B 17 6.00 -11.93 -12.35
C SER B 17 5.73 -10.99 -11.17
N GLY B 18 4.48 -10.60 -10.92
CA GLY B 18 4.19 -9.66 -9.85
C GLY B 18 3.00 -8.79 -10.20
N PRO B 19 1.96 -8.78 -9.36
CA PRO B 19 1.71 -9.69 -8.23
C PRO B 19 1.89 -11.14 -8.66
N ALA B 20 2.38 -11.96 -7.74
CA ALA B 20 2.76 -13.32 -8.05
C ALA B 20 1.96 -14.29 -7.19
N MET B 21 2.14 -15.58 -7.46
CA MET B 21 1.47 -16.56 -6.64
C MET B 21 1.95 -16.48 -5.19
N LEU B 22 1.03 -16.70 -4.28
CA LEU B 22 1.36 -16.97 -2.90
CA LEU B 22 1.32 -16.96 -2.89
C LEU B 22 1.41 -18.46 -2.67
N PRO B 23 2.09 -18.93 -1.62
CA PRO B 23 2.02 -20.36 -1.29
C PRO B 23 0.56 -20.76 -1.09
N ALA B 24 0.14 -21.87 -1.73
CA ALA B 24 -1.26 -22.28 -1.63
C ALA B 24 -1.69 -22.48 -0.18
N GLU B 25 -0.82 -23.05 0.65
CA GLU B 25 -1.16 -23.27 2.05
CA GLU B 25 -1.20 -23.26 2.04
C GLU B 25 -1.40 -21.95 2.78
N VAL B 26 -0.65 -20.91 2.43
CA VAL B 26 -0.83 -19.60 3.05
C VAL B 26 -2.18 -19.02 2.68
N LEU B 27 -2.52 -19.05 1.39
CA LEU B 27 -3.80 -18.51 0.94
CA LEU B 27 -3.81 -18.50 0.96
C LEU B 27 -4.97 -19.28 1.57
N LYS B 28 -4.84 -20.60 1.69
CA LYS B 28 -5.91 -21.39 2.29
C LYS B 28 -6.11 -21.03 3.75
N LEU B 29 -5.02 -20.85 4.50
CA LEU B 29 -5.16 -20.41 5.89
C LEU B 29 -5.79 -19.03 5.97
N ALA B 30 -5.32 -18.08 5.14
CA ALA B 30 -5.91 -16.75 5.16
C ALA B 30 -7.39 -16.80 4.85
N GLN B 31 -7.79 -17.68 3.91
CA GLN B 31 -9.21 -17.80 3.60
C GLN B 31 -9.98 -18.29 4.81
N GLN B 32 -9.46 -19.34 5.46
CA GLN B 32 -10.18 -19.95 6.57
C GLN B 32 -10.43 -18.94 7.67
N GLU B 33 -9.48 -18.06 7.93
CA GLU B 33 -9.62 -17.15 9.06
C GLU B 33 -9.93 -15.71 8.62
N LEU B 34 -10.42 -15.52 7.39
CA LEU B 34 -10.60 -14.15 6.89
C LEU B 34 -11.66 -13.38 7.67
N CYS B 35 -12.74 -14.05 8.09
CA CYS B 35 -13.83 -13.35 8.75
C CYS B 35 -13.74 -13.39 10.27
N ASP B 36 -13.12 -14.43 10.81
CA ASP B 36 -13.01 -14.66 12.26
C ASP B 36 -11.58 -15.09 12.52
N TRP B 37 -10.73 -14.12 12.84
CA TRP B 37 -9.29 -14.34 12.96
C TRP B 37 -8.95 -14.54 14.44
N HIS B 38 -8.29 -15.67 14.72
CA HIS B 38 -7.81 -15.98 16.07
C HIS B 38 -8.93 -15.82 17.12
N GLY B 39 -10.13 -16.27 16.77
CA GLY B 39 -11.26 -16.23 17.66
C GLY B 39 -11.80 -14.86 18.00
N LEU B 40 -11.33 -13.80 17.34
CA LEU B 40 -11.82 -12.45 17.63
C LEU B 40 -13.21 -12.19 17.07
N GLY B 41 -13.65 -12.92 16.05
CA GLY B 41 -14.91 -12.55 15.43
C GLY B 41 -14.79 -11.37 14.49
N THR B 42 -13.56 -10.95 14.19
CA THR B 42 -13.28 -9.93 13.19
C THR B 42 -12.10 -10.43 12.36
N SER B 43 -11.90 -9.81 11.21
CA SER B 43 -10.75 -10.09 10.37
C SER B 43 -9.49 -9.46 10.95
N VAL B 44 -8.33 -10.05 10.63
CA VAL B 44 -7.08 -9.37 10.94
C VAL B 44 -6.98 -8.03 10.22
N MET B 45 -7.71 -7.82 9.13
CA MET B 45 -7.64 -6.56 8.39
C MET B 45 -8.55 -5.49 8.96
N GLU B 46 -9.31 -5.79 10.02
CA GLU B 46 -10.28 -4.86 10.59
C GLU B 46 -9.89 -4.39 11.98
N ILE B 47 -8.68 -4.69 12.44
CA ILE B 47 -8.26 -4.40 13.81
C ILE B 47 -7.18 -3.33 13.81
N SER B 48 -7.09 -2.63 14.94
CA SER B 48 -6.11 -1.57 15.07
C SER B 48 -4.69 -2.12 14.98
N HIS B 49 -3.84 -1.45 14.20
CA HIS B 49 -2.44 -1.81 14.15
C HIS B 49 -1.71 -1.55 15.45
N ARG B 50 -2.30 -0.80 16.38
CA ARG B 50 -1.67 -0.55 17.66
C ARG B 50 -2.24 -1.41 18.78
N GLY B 51 -3.14 -2.34 18.44
CA GLY B 51 -3.60 -3.28 19.43
C GLY B 51 -2.62 -4.40 19.65
N LYS B 52 -2.76 -5.08 20.79
CA LYS B 52 -1.76 -6.09 21.13
C LYS B 52 -1.74 -7.24 20.12
N GLU B 53 -2.89 -7.56 19.53
CA GLU B 53 -2.96 -8.67 18.57
C GLU B 53 -2.19 -8.34 17.30
N PHE B 54 -2.43 -7.16 16.70
CA PHE B 54 -1.69 -6.87 15.48
C PHE B 54 -0.21 -6.62 15.78
N ILE B 55 0.11 -6.00 16.93
CA ILE B 55 1.51 -5.79 17.26
C ILE B 55 2.25 -7.12 17.30
N GLN B 56 1.61 -8.16 17.83
CA GLN B 56 2.25 -9.47 17.83
C GLN B 56 2.47 -10.00 16.41
N VAL B 57 1.48 -9.82 15.53
CA VAL B 57 1.64 -10.22 14.12
C VAL B 57 2.84 -9.49 13.52
N ALA B 58 2.90 -8.18 13.73
CA ALA B 58 3.93 -7.34 13.15
C ALA B 58 5.31 -7.71 13.69
N GLU B 59 5.42 -7.88 15.00
CA GLU B 59 6.70 -8.24 15.61
C GLU B 59 7.15 -9.63 15.19
N GLU B 60 6.24 -10.61 15.14
CA GLU B 60 6.66 -11.94 14.70
C GLU B 60 7.08 -11.93 13.24
N ALA B 61 6.38 -11.15 12.41
CA ALA B 61 6.79 -11.04 11.00
C ALA B 61 8.22 -10.50 10.91
N GLU B 62 8.53 -9.44 11.66
CA GLU B 62 9.89 -8.89 11.65
C GLU B 62 10.90 -9.93 12.14
N GLN B 63 10.61 -10.58 13.26
CA GLN B 63 11.53 -11.57 13.82
CA GLN B 63 11.59 -11.52 13.78
C GLN B 63 11.77 -12.70 12.84
N ASP B 64 10.69 -13.19 12.22
CA ASP B 64 10.81 -14.33 11.31
C ASP B 64 11.63 -13.95 10.08
N PHE B 65 11.40 -12.75 9.54
CA PHE B 65 12.20 -12.27 8.40
C PHE B 65 13.69 -12.16 8.77
N ARG B 66 13.99 -11.59 9.94
CA ARG B 66 15.37 -11.52 10.41
C ARG B 66 16.00 -12.91 10.52
N ALA B 67 15.23 -13.89 11.03
CA ALA B 67 15.80 -15.23 11.17
C ALA B 67 16.01 -15.88 9.81
N LEU B 68 15.08 -15.67 8.87
CA LEU B 68 15.17 -16.34 7.58
C LEU B 68 16.36 -15.85 6.78
N LEU B 69 16.62 -14.54 6.81
CA LEU B 69 17.71 -13.95 6.06
C LEU B 69 18.98 -13.74 6.86
N ASN B 70 18.98 -14.08 8.15
CA ASN B 70 20.11 -13.86 9.05
CA ASN B 70 20.15 -13.87 8.98
C ASN B 70 20.53 -12.39 9.02
N ILE B 71 19.55 -11.53 9.28
CA ILE B 71 19.77 -10.09 9.33
C ILE B 71 20.43 -9.73 10.66
N PRO B 72 21.60 -9.09 10.65
CA PRO B 72 22.25 -8.70 11.91
C PRO B 72 21.47 -7.61 12.66
N SER B 73 21.74 -7.51 13.96
CA SER B 73 20.94 -6.61 14.79
C SER B 73 21.23 -5.13 14.53
N ASN B 74 22.32 -4.78 13.85
CA ASN B 74 22.58 -3.38 13.52
C ASN B 74 21.82 -2.93 12.28
N TYR B 75 20.90 -3.74 11.75
CA TYR B 75 20.01 -3.33 10.67
C TYR B 75 18.59 -3.16 11.20
N LYS B 76 17.93 -2.13 10.69
CA LYS B 76 16.49 -1.97 10.86
C LYS B 76 15.76 -2.73 9.75
N VAL B 77 14.57 -3.22 10.08
CA VAL B 77 13.69 -3.91 9.13
C VAL B 77 12.39 -3.13 9.14
N LEU B 78 12.09 -2.51 7.99
CA LEU B 78 10.94 -1.63 7.84
C LEU B 78 9.92 -2.24 6.89
N PHE B 79 8.64 -2.17 7.28
CA PHE B 79 7.50 -2.60 6.48
C PHE B 79 6.83 -1.32 5.98
N CYS B 80 6.94 -1.06 4.67
CA CYS B 80 6.73 0.26 4.08
C CYS B 80 5.61 0.27 3.04
N HIS B 81 5.07 1.47 2.82
CA HIS B 81 4.21 1.75 1.69
C HIS B 81 5.03 2.09 0.44
N GLY B 82 4.42 1.95 -0.73
CA GLY B 82 4.90 2.62 -1.94
C GLY B 82 5.53 1.74 -3.00
N GLY B 83 5.84 0.49 -2.71
CA GLY B 83 6.36 -0.41 -3.74
C GLY B 83 7.85 -0.22 -3.98
N GLY B 84 8.36 -1.07 -4.87
CA GLY B 84 9.75 -0.91 -5.28
C GLY B 84 10.06 0.47 -5.84
N ARG B 85 9.18 0.99 -6.71
CA ARG B 85 9.43 2.33 -7.26
C ARG B 85 9.37 3.41 -6.21
N GLY B 86 8.65 3.18 -5.09
CA GLY B 86 8.76 4.11 -3.96
C GLY B 86 10.18 4.22 -3.45
N GLN B 87 10.92 3.11 -3.42
CA GLN B 87 12.29 3.15 -2.94
C GLN B 87 13.25 3.74 -3.97
N PHE B 88 12.87 3.77 -5.25
CA PHE B 88 13.69 4.51 -6.20
C PHE B 88 13.81 5.96 -5.78
N ALA B 89 12.78 6.49 -5.11
CA ALA B 89 12.85 7.84 -4.54
C ALA B 89 13.34 7.78 -3.10
N GLY B 90 12.91 6.76 -2.35
CA GLY B 90 13.27 6.69 -0.94
C GLY B 90 14.76 6.57 -0.68
N ILE B 91 15.49 5.82 -1.52
CA ILE B 91 16.92 5.68 -1.29
CA ILE B 91 16.93 5.67 -1.30
C ILE B 91 17.62 7.04 -1.38
N PRO B 92 17.53 7.79 -2.49
CA PRO B 92 18.21 9.10 -2.48
C PRO B 92 17.65 10.07 -1.45
N LEU B 93 16.33 10.04 -1.20
CA LEU B 93 15.77 10.95 -0.20
C LEU B 93 16.26 10.66 1.22
N ASN B 94 16.71 9.44 1.49
CA ASN B 94 17.17 9.09 2.83
C ASN B 94 18.66 9.11 3.00
N ILE B 95 19.44 8.67 2.00
CA ILE B 95 20.86 8.49 2.31
C ILE B 95 21.83 9.21 1.39
N LEU B 96 21.34 10.11 0.53
CA LEU B 96 22.26 11.08 -0.09
C LEU B 96 22.95 11.95 0.96
N GLY B 97 22.22 12.34 2.00
CA GLY B 97 22.76 13.33 2.92
C GLY B 97 23.05 14.63 2.20
N ASP B 98 24.25 15.16 2.43
CA ASP B 98 24.66 16.41 1.81
C ASP B 98 25.33 16.21 0.46
N LYS B 99 25.32 14.99 -0.07
CA LYS B 99 26.05 14.71 -1.30
C LYS B 99 25.14 14.81 -2.50
N LYS B 100 25.76 14.99 -3.67
CA LYS B 100 25.02 15.13 -4.91
C LYS B 100 25.31 14.03 -5.92
N VAL B 101 26.24 13.12 -5.65
CA VAL B 101 26.60 12.05 -6.57
C VAL B 101 26.37 10.71 -5.90
N ALA B 102 25.74 9.79 -6.64
CA ALA B 102 25.64 8.38 -6.27
C ALA B 102 25.92 7.56 -7.52
N ASP B 103 26.50 6.37 -7.35
CA ASP B 103 26.80 5.49 -8.48
C ASP B 103 25.62 4.56 -8.70
N TYR B 104 25.17 4.45 -9.96
CA TYR B 104 24.09 3.55 -10.33
C TYR B 104 24.56 2.59 -11.41
N VAL B 105 24.40 1.29 -11.19
CA VAL B 105 24.74 0.29 -12.20
C VAL B 105 23.49 -0.01 -13.02
N ASP B 106 23.62 0.09 -14.34
CA ASP B 106 22.53 -0.18 -15.27
C ASP B 106 22.89 -1.41 -16.11
N ALA B 107 22.21 -2.53 -15.84
CA ALA B 107 22.29 -3.67 -16.75
C ALA B 107 20.92 -4.27 -16.97
N GLY B 108 19.88 -3.43 -17.00
CA GLY B 108 18.53 -3.91 -17.23
C GLY B 108 17.47 -2.87 -16.90
N TYR B 109 16.22 -3.27 -17.14
CA TYR B 109 15.10 -2.33 -17.12
C TYR B 109 14.92 -1.68 -15.75
N TRP B 110 14.97 -2.47 -14.68
CA TRP B 110 14.66 -1.91 -13.37
C TRP B 110 15.81 -1.06 -12.84
N ALA B 111 17.05 -1.44 -13.12
CA ALA B 111 18.17 -0.60 -12.76
C ALA B 111 18.10 0.76 -13.47
N ALA B 112 17.72 0.74 -14.75
CA ALA B 112 17.57 1.99 -15.51
C ALA B 112 16.41 2.83 -14.98
N SER B 113 15.33 2.18 -14.54
CA SER B 113 14.22 2.91 -13.94
CA SER B 113 14.22 2.90 -13.93
C SER B 113 14.64 3.60 -12.64
N ALA B 114 15.49 2.95 -11.84
CA ALA B 114 15.99 3.58 -10.63
C ALA B 114 16.83 4.81 -10.95
N VAL B 115 17.66 4.73 -12.01
CA VAL B 115 18.45 5.90 -12.44
C VAL B 115 17.53 7.08 -12.75
N LYS B 116 16.46 6.81 -13.49
CA LYS B 116 15.59 7.89 -13.92
C LYS B 116 14.97 8.59 -12.73
N GLU B 117 14.53 7.83 -11.73
CA GLU B 117 13.96 8.49 -10.55
C GLU B 117 15.04 9.23 -9.79
N ALA B 118 16.25 8.66 -9.73
CA ALA B 118 17.35 9.28 -8.99
C ALA B 118 17.67 10.69 -9.51
N LYS B 119 17.44 10.93 -10.80
CA LYS B 119 17.78 12.22 -11.40
C LYS B 119 16.93 13.36 -10.83
N LYS B 120 15.83 13.04 -10.15
CA LYS B 120 15.06 14.04 -9.45
C LYS B 120 15.77 14.59 -8.23
N TYR B 121 16.76 13.84 -7.70
CA TYR B 121 17.35 14.11 -6.39
C TYR B 121 18.86 14.28 -6.41
N CYS B 122 19.54 13.83 -7.45
CA CYS B 122 21.00 13.87 -7.49
C CYS B 122 21.46 13.75 -8.93
N THR B 123 22.78 13.71 -9.11
CA THR B 123 23.39 13.42 -10.41
C THR B 123 23.94 12.01 -10.38
N PRO B 124 23.20 11.01 -10.84
CA PRO B 124 23.73 9.65 -10.81
C PRO B 124 24.88 9.51 -11.80
N ASN B 125 25.95 8.85 -11.34
CA ASN B 125 26.98 8.37 -12.24
C ASN B 125 26.54 6.99 -12.72
N VAL B 126 26.19 6.88 -13.99
CA VAL B 126 25.59 5.66 -14.49
C VAL B 126 26.69 4.76 -15.03
N ILE B 127 26.80 3.57 -14.47
CA ILE B 127 27.76 2.56 -14.87
C ILE B 127 27.03 1.60 -15.81
N ASP B 128 27.41 1.60 -17.08
CA ASP B 128 26.84 0.67 -18.04
C ASP B 128 27.56 -0.68 -17.88
N ALA B 129 26.89 -1.64 -17.25
CA ALA B 129 27.52 -2.93 -16.98
C ALA B 129 27.12 -4.02 -17.96
N LYS B 130 26.42 -3.68 -19.04
CA LYS B 130 26.03 -4.67 -20.04
C LYS B 130 27.21 -5.08 -20.90
N ILE B 131 27.38 -6.38 -21.08
CA ILE B 131 28.34 -6.90 -22.04
C ILE B 131 27.75 -8.13 -22.73
N THR B 132 28.27 -8.41 -23.92
CA THR B 132 27.93 -9.60 -24.68
C THR B 132 29.14 -10.52 -24.71
N VAL B 133 28.95 -11.77 -24.29
CA VAL B 133 30.01 -12.77 -24.32
C VAL B 133 29.51 -13.98 -25.12
N ASP B 134 30.23 -14.32 -26.19
CA ASP B 134 29.91 -15.49 -27.02
C ASP B 134 28.44 -15.50 -27.43
N GLY B 135 27.93 -14.33 -27.80
CA GLY B 135 26.55 -14.20 -28.24
C GLY B 135 25.53 -14.06 -27.13
N LYS B 136 25.95 -14.03 -25.86
CA LYS B 136 25.05 -14.07 -24.73
C LYS B 136 25.14 -12.78 -23.91
N ARG B 137 24.00 -12.34 -23.37
CA ARG B 137 23.99 -11.11 -22.58
C ARG B 137 24.49 -11.41 -21.16
N ALA B 138 25.50 -10.64 -20.73
CA ALA B 138 26.11 -10.82 -19.43
C ALA B 138 26.28 -9.46 -18.75
N VAL B 139 26.81 -9.49 -17.53
CA VAL B 139 27.04 -8.29 -16.73
C VAL B 139 28.53 -8.23 -16.39
N LYS B 140 29.11 -7.04 -16.53
CA LYS B 140 30.51 -6.83 -16.16
C LYS B 140 30.74 -7.23 -14.71
N PRO B 141 31.87 -7.85 -14.40
CA PRO B 141 32.24 -8.09 -13.01
C PRO B 141 32.30 -6.79 -12.23
N MET B 142 32.01 -6.89 -10.93
CA MET B 142 32.00 -5.70 -10.07
C MET B 142 33.35 -4.98 -10.09
N SER B 143 34.45 -5.65 -10.44
CA SER B 143 35.73 -4.96 -10.48
C SER B 143 35.82 -3.96 -11.61
N GLU B 144 34.96 -4.07 -12.62
CA GLU B 144 34.96 -3.14 -13.74
C GLU B 144 34.03 -1.98 -13.51
N TRP B 145 33.23 -2.04 -12.45
CA TRP B 145 32.35 -0.95 -12.07
C TRP B 145 33.23 0.18 -11.56
N GLN B 146 33.35 1.23 -12.35
CA GLN B 146 34.18 2.38 -11.97
C GLN B 146 33.39 3.24 -10.98
N LEU B 147 33.66 3.08 -9.70
CA LEU B 147 32.94 3.85 -8.70
C LEU B 147 33.52 5.26 -8.61
N THR B 148 32.71 6.16 -8.06
CA THR B 148 33.11 7.55 -7.91
C THR B 148 33.61 7.77 -6.49
N PRO B 149 34.85 8.23 -6.29
CA PRO B 149 35.29 8.58 -4.94
C PRO B 149 34.30 9.57 -4.31
N GLY B 150 33.92 9.30 -3.07
CA GLY B 150 32.99 10.18 -2.39
C GLY B 150 31.52 9.96 -2.69
N ALA B 151 31.17 9.02 -3.56
CA ALA B 151 29.75 8.79 -3.85
C ALA B 151 29.00 8.44 -2.59
N ALA B 152 27.76 8.93 -2.49
CA ALA B 152 26.96 8.69 -1.29
C ALA B 152 26.63 7.22 -1.14
N TYR B 153 26.38 6.55 -2.25
CA TYR B 153 26.04 5.14 -2.24
C TYR B 153 26.21 4.61 -3.66
N LEU B 154 26.15 3.29 -3.75
CA LEU B 154 26.12 2.52 -4.98
C LEU B 154 24.78 1.81 -5.05
N HIS B 155 24.12 1.84 -6.21
CA HIS B 155 22.85 1.15 -6.38
C HIS B 155 22.93 0.15 -7.53
N TYR B 156 22.46 -1.07 -7.31
CA TYR B 156 22.32 -2.00 -8.42
C TYR B 156 21.12 -2.91 -8.19
N CYS B 157 20.75 -3.64 -9.24
CA CYS B 157 19.60 -4.56 -9.21
C CYS B 157 20.11 -5.98 -9.39
N PRO B 158 20.17 -6.80 -8.33
CA PRO B 158 20.69 -8.17 -8.51
C PRO B 158 19.76 -9.11 -9.25
N ASN B 159 18.52 -8.72 -9.56
CA ASN B 159 17.68 -9.61 -10.35
C ASN B 159 16.74 -8.77 -11.20
N GLU B 160 17.06 -8.73 -12.50
CA GLU B 160 16.30 -7.95 -13.48
C GLU B 160 15.13 -8.79 -13.98
N THR B 161 13.95 -8.46 -13.46
CA THR B 161 12.74 -9.28 -13.59
C THR B 161 12.31 -9.46 -15.04
N ILE B 162 12.44 -8.41 -15.87
CA ILE B 162 12.00 -8.44 -17.25
C ILE B 162 13.04 -9.11 -18.14
N ASP B 163 14.31 -8.89 -17.82
CA ASP B 163 15.42 -9.35 -18.66
C ASP B 163 15.91 -10.74 -18.31
N GLY B 164 15.56 -11.26 -17.13
CA GLY B 164 16.06 -12.56 -16.74
C GLY B 164 17.51 -12.57 -16.37
N ILE B 165 18.05 -11.44 -15.91
CA ILE B 165 19.47 -11.27 -15.65
C ILE B 165 19.69 -11.15 -14.15
N ALA B 166 20.52 -12.03 -13.61
CA ALA B 166 20.88 -12.00 -12.20
C ALA B 166 22.34 -11.62 -12.03
N ILE B 167 22.62 -10.79 -11.02
CA ILE B 167 23.98 -10.49 -10.57
C ILE B 167 24.09 -11.17 -9.22
N ASP B 168 24.73 -12.35 -9.19
CA ASP B 168 24.80 -13.12 -7.96
C ASP B 168 26.05 -12.82 -7.16
N GLU B 169 26.99 -12.12 -7.74
CA GLU B 169 28.27 -12.01 -7.06
C GLU B 169 28.17 -11.13 -5.84
N THR B 170 28.88 -11.52 -4.81
CA THR B 170 28.78 -10.90 -3.50
C THR B 170 29.57 -9.60 -3.50
N PRO B 171 28.95 -8.48 -3.14
CA PRO B 171 29.72 -7.23 -3.00
C PRO B 171 30.89 -7.41 -2.04
N ASN B 172 32.04 -6.90 -2.44
CA ASN B 172 33.27 -6.98 -1.66
C ASN B 172 33.96 -5.62 -1.63
N PHE B 173 33.17 -4.56 -1.62
CA PHE B 173 33.69 -3.19 -1.64
C PHE B 173 34.17 -2.77 -0.26
N GLY B 174 34.94 -1.68 -0.23
CA GLY B 174 35.41 -1.15 1.04
C GLY B 174 34.31 -0.51 1.89
N ASP B 175 34.72 -0.10 3.09
CA ASP B 175 33.81 0.52 4.05
CA ASP B 175 33.80 0.51 4.04
C ASP B 175 33.25 1.85 3.55
N ASP B 176 33.93 2.49 2.61
CA ASP B 176 33.49 3.78 2.08
CA ASP B 176 33.46 3.78 2.10
C ASP B 176 32.39 3.65 1.02
N VAL B 177 32.12 2.43 0.55
CA VAL B 177 31.08 2.21 -0.44
C VAL B 177 29.84 1.72 0.29
N ILE B 178 28.72 2.42 0.11
CA ILE B 178 27.44 2.05 0.71
C ILE B 178 26.63 1.35 -0.36
N VAL B 179 26.52 0.02 -0.29
CA VAL B 179 25.85 -0.74 -1.34
C VAL B 179 24.35 -0.76 -1.08
N THR B 180 23.57 -0.36 -2.08
CA THR B 180 22.12 -0.45 -1.99
C THR B 180 21.62 -1.30 -3.14
N ALA B 181 20.55 -2.08 -2.92
CA ALA B 181 20.21 -3.09 -3.91
C ALA B 181 18.74 -3.42 -3.92
N ASP B 182 18.18 -3.44 -5.14
CA ASP B 182 16.79 -3.79 -5.41
C ASP B 182 16.67 -5.31 -5.51
N PHE B 183 16.32 -5.95 -4.40
CA PHE B 183 16.13 -7.40 -4.31
C PHE B 183 14.67 -7.84 -4.57
N SER B 184 13.83 -6.98 -5.15
CA SER B 184 12.39 -7.27 -5.26
C SER B 184 12.10 -8.69 -5.76
N SER B 185 12.76 -9.12 -6.84
CA SER B 185 12.35 -10.37 -7.47
C SER B 185 13.25 -11.55 -7.11
N THR B 186 14.07 -11.43 -6.06
CA THR B 186 14.92 -12.55 -5.68
C THR B 186 15.10 -12.70 -4.17
N ILE B 187 14.69 -11.73 -3.36
CA ILE B 187 14.89 -11.83 -1.91
CA ILE B 187 14.92 -11.84 -1.91
C ILE B 187 14.31 -13.14 -1.40
N LEU B 188 15.04 -13.81 -0.50
CA LEU B 188 14.67 -15.08 0.12
C LEU B 188 14.80 -16.29 -0.80
N SER B 189 15.35 -16.12 -2.02
CA SER B 189 15.55 -17.28 -2.90
C SER B 189 16.87 -18.00 -2.68
N ARG B 190 17.79 -17.37 -1.96
CA ARG B 190 19.10 -17.92 -1.63
CA ARG B 190 19.11 -17.90 -1.66
C ARG B 190 19.67 -17.11 -0.47
N GLU B 191 20.65 -17.69 0.21
CA GLU B 191 21.24 -17.01 1.35
C GLU B 191 22.14 -15.90 0.84
N ILE B 192 22.12 -14.77 1.54
CA ILE B 192 22.94 -13.63 1.18
C ILE B 192 23.60 -13.07 2.44
N ASP B 193 24.66 -12.29 2.23
CA ASP B 193 25.42 -11.73 3.34
C ASP B 193 24.93 -10.28 3.52
N VAL B 194 23.93 -10.11 4.39
CA VAL B 194 23.32 -8.80 4.59
C VAL B 194 24.34 -7.76 5.04
N ASN B 195 25.36 -8.18 5.80
CA ASN B 195 26.40 -7.25 6.25
C ASN B 195 27.12 -6.55 5.12
N ARG B 196 27.08 -7.11 3.89
CA ARG B 196 27.76 -6.46 2.78
C ARG B 196 26.99 -5.27 2.22
N PHE B 197 25.80 -5.00 2.73
CA PHE B 197 24.90 -4.01 2.16
C PHE B 197 24.60 -2.90 3.16
N GLY B 198 24.35 -1.71 2.62
CA GLY B 198 23.78 -0.61 3.40
C GLY B 198 22.27 -0.62 3.40
N VAL B 199 21.67 -0.85 2.23
CA VAL B 199 20.20 -0.98 2.12
C VAL B 199 19.87 -2.11 1.16
N ILE B 200 18.97 -2.98 1.58
CA ILE B 200 18.33 -3.99 0.73
C ILE B 200 16.86 -3.69 0.74
N TYR B 201 16.23 -3.61 -0.44
CA TYR B 201 14.78 -3.38 -0.44
C TYR B 201 14.10 -4.32 -1.42
N ALA B 202 12.81 -4.54 -1.22
CA ALA B 202 12.06 -5.47 -2.07
C ALA B 202 10.58 -5.14 -1.98
N GLY B 203 9.95 -4.85 -3.11
CA GLY B 203 8.50 -4.93 -3.14
C GLY B 203 8.10 -6.34 -2.74
N ALA B 204 7.02 -6.46 -1.94
CA ALA B 204 6.68 -7.77 -1.39
C ALA B 204 6.13 -8.74 -2.43
N GLN B 205 5.61 -8.24 -3.56
CA GLN B 205 4.72 -9.08 -4.36
C GLN B 205 5.44 -10.07 -5.31
N LYS B 206 6.60 -10.62 -4.89
CA LYS B 206 7.26 -11.77 -5.54
C LYS B 206 7.53 -12.91 -4.55
N ASN B 207 8.30 -12.68 -3.48
CA ASN B 207 8.68 -13.74 -2.54
C ASN B 207 8.27 -13.43 -1.09
N ILE B 208 7.56 -12.34 -0.81
CA ILE B 208 7.29 -11.94 0.57
C ILE B 208 5.79 -11.99 0.88
N GLY B 209 4.97 -11.39 0.04
CA GLY B 209 3.55 -11.27 0.35
C GLY B 209 2.80 -10.65 -0.79
N PRO B 210 1.62 -10.13 -0.52
CA PRO B 210 0.85 -9.52 -1.58
C PRO B 210 1.37 -8.11 -1.86
N ALA B 211 0.94 -7.61 -2.99
CA ALA B 211 1.28 -6.26 -3.39
C ALA B 211 0.66 -5.28 -2.40
N GLY B 212 1.34 -4.17 -2.22
CA GLY B 212 0.92 -3.17 -1.26
C GLY B 212 1.84 -3.06 -0.07
N LEU B 213 2.91 -3.83 -0.05
CA LEU B 213 3.87 -3.85 1.05
C LEU B 213 5.26 -3.89 0.44
N THR B 214 6.21 -3.18 1.07
CA THR B 214 7.62 -3.17 0.67
C THR B 214 8.47 -3.40 1.90
N LEU B 215 9.52 -4.22 1.77
CA LEU B 215 10.46 -4.43 2.85
C LEU B 215 11.72 -3.61 2.60
N VAL B 216 12.22 -2.96 3.65
CA VAL B 216 13.49 -2.24 3.59
C VAL B 216 14.35 -2.67 4.75
N ILE B 217 15.57 -3.10 4.45
CA ILE B 217 16.58 -3.47 5.45
C ILE B 217 17.65 -2.38 5.39
N VAL B 218 17.82 -1.62 6.46
CA VAL B 218 18.71 -0.46 6.41
CA VAL B 218 18.66 -0.40 6.47
C VAL B 218 19.68 -0.48 7.60
N ARG B 219 20.95 -0.34 7.28
CA ARG B 219 21.99 -0.33 8.32
C ARG B 219 21.80 0.91 9.19
N GLU B 220 21.88 0.73 10.51
CA GLU B 220 21.37 1.75 11.42
C GLU B 220 22.16 3.04 11.36
N ASP B 221 23.46 2.98 11.03
CA ASP B 221 24.27 4.20 10.97
C ASP B 221 23.92 5.08 9.79
N LEU B 222 23.11 4.58 8.84
CA LEU B 222 22.66 5.37 7.70
C LEU B 222 21.45 6.22 8.01
N LEU B 223 20.81 6.04 9.17
CA LEU B 223 19.68 6.86 9.56
C LEU B 223 20.15 8.26 10.00
N GLY B 224 19.19 9.17 10.11
CA GLY B 224 19.48 10.50 10.65
C GLY B 224 19.94 11.53 9.65
N LYS B 225 19.93 11.24 8.35
CA LYS B 225 20.37 12.24 7.37
C LYS B 225 19.37 12.35 6.22
N ALA B 226 18.10 12.06 6.47
CA ALA B 226 17.10 12.18 5.42
C ALA B 226 16.92 13.64 5.01
N SER B 227 16.61 13.83 3.73
CA SER B 227 16.26 15.16 3.24
C SER B 227 14.99 15.65 3.92
N VAL B 228 14.94 16.94 4.24
CA VAL B 228 13.71 17.55 4.72
CA VAL B 228 13.70 17.52 4.74
C VAL B 228 12.57 17.32 3.73
N ALA B 229 12.87 17.23 2.44
CA ALA B 229 11.83 17.00 1.44
C ALA B 229 11.26 15.59 1.46
N CYS B 230 11.89 14.65 2.15
CA CYS B 230 11.39 13.29 2.15
C CYS B 230 10.03 13.22 2.85
N PRO B 231 8.99 12.71 2.21
CA PRO B 231 7.71 12.52 2.93
C PRO B 231 7.95 11.64 4.15
N SER B 232 7.29 12.00 5.26
CA SER B 232 7.51 11.25 6.50
C SER B 232 7.22 9.77 6.31
N ILE B 233 6.23 9.42 5.48
CA ILE B 233 5.91 8.00 5.25
C ILE B 233 7.02 7.25 4.53
N LEU B 234 7.99 7.96 3.94
CA LEU B 234 9.12 7.33 3.27
C LEU B 234 10.43 7.54 4.00
N ASP B 235 10.41 8.22 5.15
CA ASP B 235 11.60 8.61 5.88
C ASP B 235 12.00 7.43 6.78
N TYR B 236 13.13 6.79 6.49
CA TYR B 236 13.56 5.61 7.25
C TYR B 236 13.75 5.91 8.73
N THR B 237 14.19 7.12 9.05
CA THR B 237 14.40 7.47 10.46
C THR B 237 13.06 7.53 11.20
N VAL B 238 12.05 8.18 10.60
CA VAL B 238 10.71 8.20 11.16
C VAL B 238 10.13 6.80 11.24
N LEU B 239 10.29 6.01 10.17
CA LEU B 239 9.72 4.67 10.15
C LEU B 239 10.35 3.81 11.24
N SER B 240 11.67 3.91 11.40
CA SER B 240 12.33 3.08 12.41
C SER B 240 11.93 3.51 13.81
N GLU B 241 11.89 4.82 14.06
CA GLU B 241 11.49 5.33 15.37
CA GLU B 241 11.53 5.27 15.40
C GLU B 241 10.10 4.87 15.75
N ASN B 242 9.23 4.66 14.77
CA ASN B 242 7.85 4.28 15.01
C ASN B 242 7.57 2.82 14.70
N ASP B 243 8.61 1.99 14.52
CA ASP B 243 8.45 0.55 14.32
C ASP B 243 7.54 0.25 13.12
N SER B 244 7.71 1.01 12.04
CA SER B 244 6.92 0.89 10.80
C SER B 244 5.44 1.16 11.04
N MET B 245 5.10 1.86 12.11
CA MET B 245 3.73 2.27 12.38
C MET B 245 3.67 3.77 12.62
N PHE B 246 4.43 4.53 11.83
CA PHE B 246 4.25 5.97 11.80
C PHE B 246 2.82 6.32 11.42
N ASN B 247 2.31 5.65 10.39
CA ASN B 247 0.89 5.76 10.05
C ASN B 247 0.32 4.36 9.88
N THR B 248 -0.89 4.27 9.38
CA THR B 248 -1.56 2.97 9.32
C THR B 248 -0.85 2.09 8.30
N PRO B 249 -0.38 0.92 8.68
CA PRO B 249 0.29 0.02 7.73
C PRO B 249 -0.70 -0.64 6.80
N PRO B 250 -0.22 -1.23 5.71
CA PRO B 250 -1.03 -2.20 4.93
C PRO B 250 -1.19 -3.47 5.77
N THR B 251 -2.15 -3.49 6.70
CA THR B 251 -2.12 -4.51 7.74
C THR B 251 -2.36 -5.91 7.18
N PHE B 252 -3.26 -6.06 6.21
CA PHE B 252 -3.49 -7.40 5.67
C PHE B 252 -2.25 -7.90 4.92
N ALA B 253 -1.59 -7.04 4.17
CA ALA B 253 -0.37 -7.45 3.46
C ALA B 253 0.72 -7.87 4.43
N TRP B 254 0.88 -7.12 5.53
CA TRP B 254 1.89 -7.44 6.53
C TRP B 254 1.58 -8.77 7.20
N TYR B 255 0.31 -8.99 7.55
CA TYR B 255 -0.11 -10.30 8.06
C TYR B 255 0.23 -11.42 7.08
N LEU B 256 -0.08 -11.21 5.79
CA LEU B 256 0.14 -12.28 4.81
C LEU B 256 1.62 -12.54 4.63
N ALA B 257 2.43 -11.48 4.62
CA ALA B 257 3.87 -11.67 4.62
C ALA B 257 4.30 -12.49 5.82
N GLY B 258 3.75 -12.20 7.01
CA GLY B 258 4.07 -13.00 8.17
C GLY B 258 3.76 -14.48 7.96
N LEU B 259 2.64 -14.78 7.29
CA LEU B 259 2.29 -16.17 7.01
C LEU B 259 3.27 -16.78 6.04
N VAL B 260 3.69 -16.00 5.02
CA VAL B 260 4.70 -16.50 4.09
C VAL B 260 5.99 -16.84 4.83
N PHE B 261 6.40 -15.99 5.78
CA PHE B 261 7.63 -16.29 6.50
C PHE B 261 7.49 -17.57 7.33
N LYS B 262 6.34 -17.77 7.97
CA LYS B 262 6.14 -19.03 8.70
C LYS B 262 6.16 -20.22 7.75
N TRP B 263 5.56 -20.06 6.56
CA TRP B 263 5.59 -21.11 5.55
C TRP B 263 7.01 -21.42 5.11
N LEU B 264 7.82 -20.38 4.90
CA LEU B 264 9.21 -20.60 4.52
C LEU B 264 9.96 -21.39 5.60
N LYS B 265 9.74 -21.04 6.88
CA LYS B 265 10.35 -21.85 7.94
C LYS B 265 9.93 -23.31 7.81
N GLN B 266 8.64 -23.54 7.54
CA GLN B 266 8.12 -24.89 7.40
C GLN B 266 8.72 -25.64 6.22
N GLN B 267 9.25 -24.92 5.22
CA GLN B 267 9.88 -25.58 4.10
C GLN B 267 11.33 -25.94 4.37
N GLY B 268 11.89 -25.49 5.48
CA GLY B 268 13.31 -25.61 5.74
C GLY B 268 14.12 -24.34 5.58
N GLY B 269 13.45 -23.20 5.38
CA GLY B 269 14.13 -21.93 5.28
C GLY B 269 14.80 -21.72 3.93
N VAL B 270 15.62 -20.66 3.88
CA VAL B 270 16.15 -20.21 2.60
C VAL B 270 17.13 -21.24 2.01
N ALA B 271 17.85 -22.00 2.83
CA ALA B 271 18.76 -23.02 2.27
C ALA B 271 17.97 -24.10 1.54
N ALA B 272 16.80 -24.46 2.08
CA ALA B 272 15.96 -25.44 1.40
C ALA B 272 15.41 -24.88 0.11
N MET B 273 14.95 -23.61 0.14
CA MET B 273 14.42 -23.04 -1.09
CA MET B 273 14.45 -22.97 -1.08
C MET B 273 15.52 -22.89 -2.15
N ASP B 274 16.75 -22.57 -1.72
CA ASP B 274 17.86 -22.46 -2.65
C ASP B 274 18.04 -23.74 -3.46
N LYS B 275 17.99 -24.88 -2.79
CA LYS B 275 18.17 -26.15 -3.50
C LYS B 275 17.02 -26.43 -4.47
N ILE B 276 15.78 -26.17 -4.06
CA ILE B 276 14.65 -26.41 -4.95
C ILE B 276 14.68 -25.44 -6.13
N ASN B 277 15.05 -24.18 -5.86
CA ASN B 277 15.13 -23.20 -6.93
C ASN B 277 16.20 -23.57 -7.95
N GLN B 278 17.31 -24.15 -7.50
CA GLN B 278 18.31 -24.62 -8.44
C GLN B 278 17.75 -25.72 -9.33
N GLN B 279 17.03 -26.68 -8.74
CA GLN B 279 16.44 -27.75 -9.54
C GLN B 279 15.45 -27.21 -10.57
N LYS B 280 14.63 -26.25 -10.16
CA LYS B 280 13.63 -25.67 -11.07
C LYS B 280 14.31 -24.98 -12.24
N ALA B 281 15.32 -24.16 -11.95
CA ALA B 281 15.98 -23.41 -13.02
C ALA B 281 16.74 -24.35 -13.96
N GLU B 282 17.43 -25.35 -13.42
CA GLU B 282 18.16 -26.28 -14.27
C GLU B 282 17.21 -27.05 -15.19
N LEU B 283 16.05 -27.45 -14.66
CA LEU B 283 15.07 -28.14 -15.49
C LEU B 283 14.60 -27.25 -16.63
N LEU B 284 14.19 -26.02 -16.33
CA LEU B 284 13.60 -25.17 -17.36
C LEU B 284 14.66 -24.70 -18.37
N TYR B 285 15.83 -24.26 -17.88
CA TYR B 285 16.88 -23.84 -18.82
C TYR B 285 17.38 -24.99 -19.68
N GLY B 286 17.42 -26.20 -19.11
CA GLY B 286 17.82 -27.36 -19.92
C GLY B 286 16.87 -27.59 -21.08
N VAL B 287 15.57 -27.52 -20.82
CA VAL B 287 14.60 -27.72 -21.89
C VAL B 287 14.74 -26.65 -22.95
N ILE B 288 14.91 -25.39 -22.52
CA ILE B 288 15.08 -24.29 -23.47
C ILE B 288 16.36 -24.48 -24.28
N ASP B 289 17.45 -24.83 -23.61
CA ASP B 289 18.73 -24.96 -24.32
C ASP B 289 18.75 -26.16 -25.27
N ASN B 290 18.10 -27.25 -24.90
CA ASN B 290 18.16 -28.47 -25.72
C ASN B 290 17.11 -28.49 -26.82
N SER B 291 16.30 -27.44 -26.93
CA SER B 291 15.27 -27.36 -27.94
C SER B 291 15.66 -26.35 -29.01
N GLY B 292 15.43 -26.71 -30.28
CA GLY B 292 15.60 -25.67 -31.29
C GLY B 292 14.42 -24.72 -31.41
N PHE B 293 13.32 -25.04 -30.73
CA PHE B 293 12.08 -24.30 -30.82
C PHE B 293 12.00 -23.13 -29.84
N TYR B 294 12.79 -23.17 -28.77
CA TYR B 294 12.81 -22.12 -27.75
C TYR B 294 14.24 -21.62 -27.59
N ARG B 295 14.39 -20.34 -27.22
CA ARG B 295 15.74 -19.83 -26.98
C ARG B 295 15.74 -18.84 -25.83
N ASN B 296 16.87 -18.80 -25.14
CA ASN B 296 17.18 -17.79 -24.14
C ASN B 296 18.64 -17.42 -24.33
N ASP B 297 18.94 -16.13 -24.41
CA ASP B 297 20.29 -15.73 -24.77
C ASP B 297 20.99 -14.96 -23.66
N VAL B 298 20.64 -15.25 -22.41
CA VAL B 298 21.35 -14.73 -21.25
C VAL B 298 22.51 -15.68 -20.92
N ALA B 299 23.68 -15.09 -20.63
CA ALA B 299 24.85 -15.88 -20.26
C ALA B 299 24.58 -16.72 -19.02
N GLN B 300 25.13 -17.93 -19.02
CA GLN B 300 24.91 -18.88 -17.92
C GLN B 300 25.13 -18.23 -16.54
N ALA B 301 26.24 -17.50 -16.36
CA ALA B 301 26.57 -16.95 -15.05
C ALA B 301 25.59 -15.88 -14.59
N ASN B 302 24.82 -15.30 -15.51
CA ASN B 302 23.87 -14.25 -15.20
C ASN B 302 22.43 -14.68 -15.42
N ARG B 303 22.17 -15.97 -15.57
CA ARG B 303 20.79 -16.42 -15.73
C ARG B 303 20.04 -16.37 -14.40
N SER B 304 18.94 -15.62 -14.35
CA SER B 304 18.09 -15.62 -13.17
C SER B 304 17.45 -16.99 -12.95
N ARG B 305 17.36 -17.41 -11.69
CA ARG B 305 16.57 -18.59 -11.34
C ARG B 305 15.11 -18.26 -11.07
N MET B 306 14.78 -16.97 -11.00
CA MET B 306 13.45 -16.50 -10.63
C MET B 306 12.61 -16.12 -11.82
N ASN B 307 13.23 -15.48 -12.81
CA ASN B 307 12.52 -14.98 -14.00
C ASN B 307 13.22 -15.51 -15.22
N VAL B 308 12.54 -16.33 -16.00
CA VAL B 308 13.13 -17.02 -17.14
C VAL B 308 12.44 -16.60 -18.43
N PRO B 309 12.93 -15.58 -19.11
CA PRO B 309 12.39 -15.23 -20.43
C PRO B 309 12.84 -16.21 -21.50
N PHE B 310 12.01 -16.40 -22.51
CA PHE B 310 12.43 -17.20 -23.67
C PHE B 310 11.60 -16.78 -24.87
N GLN B 311 12.14 -17.02 -26.05
CA GLN B 311 11.43 -16.71 -27.27
C GLN B 311 11.19 -17.98 -28.06
N LEU B 312 10.08 -18.01 -28.78
CA LEU B 312 9.81 -19.08 -29.73
C LEU B 312 10.56 -18.81 -31.02
N ALA B 313 10.99 -19.89 -31.67
CA ALA B 313 11.68 -19.74 -32.95
C ALA B 313 10.79 -19.06 -33.98
N ASP B 314 9.49 -19.35 -33.96
CA ASP B 314 8.50 -18.68 -34.81
C ASP B 314 7.57 -17.93 -33.85
N SER B 315 7.78 -16.61 -33.73
CA SER B 315 6.94 -15.85 -32.83
C SER B 315 5.51 -15.67 -33.36
N ALA B 316 5.23 -16.06 -34.60
CA ALA B 316 3.83 -16.10 -35.03
C ALA B 316 3.03 -17.15 -34.27
N LEU B 317 3.71 -18.04 -33.55
CA LEU B 317 3.03 -19.00 -32.69
C LEU B 317 2.89 -18.52 -31.25
N ASP B 318 3.30 -17.28 -30.94
CA ASP B 318 3.15 -16.75 -29.58
C ASP B 318 1.72 -16.84 -29.08
N LYS B 319 0.77 -16.33 -29.88
CA LYS B 319 -0.63 -16.31 -29.42
C LYS B 319 -1.13 -17.70 -29.11
N LEU B 320 -0.81 -18.66 -29.98
CA LEU B 320 -1.24 -20.03 -29.76
C LEU B 320 -0.58 -20.62 -28.50
N PHE B 321 0.71 -20.32 -28.31
CA PHE B 321 1.37 -20.77 -27.08
C PHE B 321 0.65 -20.25 -25.84
N LEU B 322 0.25 -18.98 -25.87
CA LEU B 322 -0.43 -18.39 -24.72
C LEU B 322 -1.81 -18.98 -24.53
N GLU B 323 -2.57 -19.19 -25.62
CA GLU B 323 -3.89 -19.80 -25.48
C GLU B 323 -3.78 -21.22 -24.95
N GLU B 324 -2.87 -22.01 -25.53
CA GLU B 324 -2.80 -23.42 -25.14
C GLU B 324 -2.19 -23.60 -23.76
N SER B 325 -1.19 -22.78 -23.39
CA SER B 325 -0.65 -22.90 -22.04
C SER B 325 -1.70 -22.54 -21.02
N PHE B 326 -2.45 -21.44 -21.28
CA PHE B 326 -3.53 -21.06 -20.36
C PHE B 326 -4.53 -22.21 -20.20
N ALA B 327 -4.92 -22.83 -21.32
CA ALA B 327 -5.89 -23.91 -21.27
C ALA B 327 -5.36 -25.11 -20.50
N ALA B 328 -4.04 -25.29 -20.47
CA ALA B 328 -3.36 -26.34 -19.72
C ALA B 328 -3.16 -25.97 -18.25
N GLY B 329 -3.68 -24.84 -17.81
CA GLY B 329 -3.52 -24.44 -16.43
C GLY B 329 -2.22 -23.74 -16.13
N LEU B 330 -1.58 -23.15 -17.14
CA LEU B 330 -0.29 -22.49 -16.99
C LEU B 330 -0.51 -21.02 -17.33
N HIS B 331 -0.62 -20.19 -16.30
CA HIS B 331 -1.07 -18.80 -16.48
C HIS B 331 0.10 -17.82 -16.55
N ALA B 332 -0.13 -16.73 -17.29
CA ALA B 332 0.67 -15.51 -17.20
C ALA B 332 2.10 -15.70 -17.72
N LEU B 333 2.24 -16.42 -18.84
CA LEU B 333 3.55 -16.64 -19.43
C LEU B 333 3.97 -15.57 -20.44
N LYS B 334 3.13 -14.60 -20.78
CA LYS B 334 3.53 -13.60 -21.76
C LYS B 334 4.68 -12.73 -21.23
N GLY B 335 5.67 -12.48 -22.10
CA GLY B 335 6.78 -11.62 -21.73
C GLY B 335 6.39 -10.16 -21.67
N HIS B 336 7.21 -9.37 -20.97
CA HIS B 336 6.88 -7.98 -20.71
C HIS B 336 6.77 -7.21 -22.01
N ARG B 337 5.86 -6.22 -22.02
CA ARG B 337 5.54 -5.49 -23.24
C ARG B 337 6.77 -4.84 -23.85
N VAL B 338 7.79 -4.56 -23.03
CA VAL B 338 8.98 -3.87 -23.51
C VAL B 338 9.87 -4.78 -24.36
N VAL B 339 9.72 -6.10 -24.25
CA VAL B 339 10.62 -7.03 -24.95
C VAL B 339 9.86 -8.17 -25.64
N GLY B 340 8.60 -8.40 -25.28
CA GLY B 340 7.86 -9.48 -25.93
C GLY B 340 8.29 -10.85 -25.43
N GLY B 341 8.18 -11.86 -26.31
CA GLY B 341 8.47 -13.26 -26.01
C GLY B 341 7.61 -13.81 -24.86
N MET B 342 8.12 -14.84 -24.20
CA MET B 342 7.51 -15.41 -23.00
C MET B 342 8.38 -15.16 -21.79
N ARG B 343 7.78 -15.32 -20.61
CA ARG B 343 8.56 -15.21 -19.37
CA ARG B 343 8.56 -15.21 -19.37
C ARG B 343 7.90 -16.07 -18.31
N ALA B 344 8.64 -17.07 -17.82
CA ALA B 344 8.16 -17.91 -16.72
C ALA B 344 8.77 -17.38 -15.44
N SER B 345 7.95 -16.86 -14.54
CA SER B 345 8.43 -16.48 -13.22
C SER B 345 8.16 -17.64 -12.28
N ILE B 346 9.22 -18.11 -11.62
CA ILE B 346 9.20 -19.37 -10.87
C ILE B 346 9.75 -19.11 -9.46
N TYR B 347 9.02 -18.28 -8.73
CA TYR B 347 9.44 -17.79 -7.42
C TYR B 347 9.41 -18.91 -6.38
N ASN B 348 9.77 -18.57 -5.13
CA ASN B 348 9.81 -19.58 -4.07
C ASN B 348 8.54 -20.41 -3.98
N ALA B 349 7.38 -19.76 -4.13
CA ALA B 349 6.11 -20.47 -3.94
C ALA B 349 5.84 -21.47 -5.05
N MET B 350 6.49 -21.33 -6.20
CA MET B 350 6.22 -22.20 -7.33
C MET B 350 6.88 -23.56 -7.08
N PRO B 351 6.11 -24.65 -6.99
CA PRO B 351 6.73 -25.95 -6.74
C PRO B 351 7.47 -26.47 -7.96
N LEU B 352 8.42 -27.36 -7.70
CA LEU B 352 9.08 -28.05 -8.80
C LEU B 352 8.06 -28.68 -9.75
N ASP B 353 6.97 -29.24 -9.21
CA ASP B 353 5.94 -29.84 -10.06
C ASP B 353 5.34 -28.83 -11.04
N GLY B 354 5.32 -27.54 -10.71
CA GLY B 354 4.82 -26.55 -11.65
C GLY B 354 5.76 -26.35 -12.82
N VAL B 355 7.06 -26.37 -12.55
CA VAL B 355 8.04 -26.24 -13.62
C VAL B 355 8.07 -27.50 -14.47
N LYS B 356 7.89 -28.68 -13.85
CA LYS B 356 7.77 -29.91 -14.63
C LYS B 356 6.55 -29.88 -15.54
N THR B 357 5.42 -29.40 -15.03
CA THR B 357 4.23 -29.27 -15.87
C THR B 357 4.45 -28.29 -17.01
N LEU B 358 5.10 -27.15 -16.72
CA LEU B 358 5.45 -26.20 -17.77
C LEU B 358 6.36 -26.81 -18.82
N THR B 359 7.44 -27.47 -18.40
CA THR B 359 8.37 -27.99 -19.41
C THR B 359 7.76 -29.13 -20.21
N ASP B 360 6.95 -29.99 -19.58
CA ASP B 360 6.25 -31.02 -20.35
C ASP B 360 5.33 -30.38 -21.38
N PHE B 361 4.66 -29.30 -20.99
CA PHE B 361 3.83 -28.57 -21.94
C PHE B 361 4.66 -28.01 -23.09
N MET B 362 5.81 -27.40 -22.76
CA MET B 362 6.65 -26.81 -23.81
C MET B 362 7.12 -27.86 -24.79
N LEU B 363 7.50 -29.04 -24.29
CA LEU B 363 7.94 -30.11 -25.17
C LEU B 363 6.80 -30.62 -26.04
N ASP B 364 5.60 -30.74 -25.47
CA ASP B 364 4.44 -31.18 -26.23
CA ASP B 364 4.46 -31.20 -26.24
C ASP B 364 4.05 -30.14 -27.27
N PHE B 365 4.16 -28.86 -26.91
CA PHE B 365 3.82 -27.81 -27.86
C PHE B 365 4.76 -27.82 -29.06
N GLU B 366 6.06 -27.99 -28.79
CA GLU B 366 7.03 -28.12 -29.88
C GLU B 366 6.72 -29.33 -30.77
N ARG B 367 6.34 -30.46 -30.15
CA ARG B 367 6.03 -31.65 -30.93
CA ARG B 367 6.03 -31.65 -30.94
C ARG B 367 4.80 -31.43 -31.81
N ARG B 368 3.80 -30.72 -31.30
CA ARG B 368 2.56 -30.57 -32.05
C ARG B 368 2.67 -29.50 -33.13
N HIS B 369 3.48 -28.46 -32.93
CA HIS B 369 3.46 -27.28 -33.80
C HIS B 369 4.79 -26.95 -34.42
N GLY B 370 5.89 -27.54 -33.96
CA GLY B 370 7.21 -27.24 -34.49
C GLY B 370 7.58 -28.10 -35.69
#